data_6F8D
#
_entry.id   6F8D
#
_cell.length_a   105.210
_cell.length_b   105.210
_cell.length_c   267.040
_cell.angle_alpha   90.00
_cell.angle_beta   90.00
_cell.angle_gamma   120.00
#
_symmetry.space_group_name_H-M   'P 65'
#
loop_
_entity.id
_entity.type
_entity.pdbx_description
1 polymer 'Serrate RNA effector molecule homolog'
2 polymer 'Serrate RNA effector molecule homolog'
#
loop_
_entity_poly.entity_id
_entity_poly.type
_entity_poly.pdbx_seq_one_letter_code
_entity_poly.pdbx_strand_id
1 'polypeptide(L)'
;RYNDYKLDFRRQQMQDFFLAHKDEEWFRSKYHPDEVGKRRQEARGALQNRLRVFLSLMETGWFDNLLLDIDKADAIVKML
DAAVIKMEGGTENDLRILEQ
;
A,B
2 'polypeptide(L)'
;GLECKPRPLHKTCSLFMRNIAPNISRAEIISLCKRYPGFMRVALSEPQPERRFFRRGWVTFDRSVNIKEICWNLQNIRLR
ECELSPGVNRDLTRRVRNINGITQHKQIVRNDIKLAAKLIHTLDDRTQLWASEPGTPPLPTSLPSQNPILKNITDYLIEE
VSAEEEELLGSSGGAPPEEPPKEGNPAEINVERDEKLIKVLDKLLLYLRIVHSLDYYNTCEYPNEDEMPNRCGIIHVRGP
MPPNRISHGEVLEWQKTFEEKLTPLLSVRESLSEEEAQKMGRKDPEQEVEKFVTSNTQELGKDKWLCPLSGKKFKGPEFV
RKHIFNKHAEKIEEVKKEVAFFNNFLTDAKRPALPE
;
C,D
#
# COMPACT_ATOMS: atom_id res chain seq x y z
N ASP A 4 23.35 14.21 -41.60
CA ASP A 4 22.92 13.02 -40.81
C ASP A 4 21.48 13.21 -40.34
N TYR A 5 20.56 12.43 -40.92
CA TYR A 5 19.15 12.46 -40.55
C TYR A 5 18.80 11.40 -39.52
N LYS A 6 19.17 10.14 -39.80
CA LYS A 6 18.86 8.99 -38.93
C LYS A 6 19.21 9.22 -37.46
N LEU A 7 20.35 9.86 -37.22
CA LEU A 7 20.77 10.25 -35.86
C LEU A 7 19.78 11.22 -35.23
N ASP A 8 19.38 12.25 -35.97
CA ASP A 8 18.39 13.23 -35.50
C ASP A 8 16.98 12.63 -35.38
N PHE A 9 16.66 11.67 -36.26
CA PHE A 9 15.37 10.98 -36.23
C PHE A 9 15.16 10.17 -34.94
N ARG A 10 16.19 9.42 -34.54
CA ARG A 10 16.13 8.63 -33.30
C ARG A 10 16.10 9.49 -32.02
N ARG A 11 16.66 10.70 -32.09
CA ARG A 11 16.53 11.67 -30.98
C ARG A 11 15.09 12.13 -30.78
N GLN A 12 14.40 12.41 -31.89
CA GLN A 12 13.00 12.84 -31.83
C GLN A 12 12.09 11.76 -31.25
N GLN A 13 12.17 10.57 -31.83
CA GLN A 13 11.34 9.41 -31.39
C GLN A 13 11.54 9.09 -29.91
N MET A 14 12.80 9.06 -29.48
CA MET A 14 13.17 8.80 -28.09
C MET A 14 12.59 9.87 -27.16
N GLN A 15 12.87 11.13 -27.47
CA GLN A 15 12.41 12.26 -26.64
C GLN A 15 10.89 12.46 -26.68
N ASP A 16 10.25 12.18 -27.81
CA ASP A 16 8.79 12.16 -27.92
C ASP A 16 8.17 11.10 -27.02
N PHE A 17 8.79 9.92 -26.98
CA PHE A 17 8.31 8.80 -26.16
C PHE A 17 8.51 9.05 -24.66
N PHE A 18 9.62 9.66 -24.29
CA PHE A 18 9.89 10.05 -22.89
C PHE A 18 8.88 11.09 -22.39
N LEU A 19 8.50 12.02 -23.27
CA LEU A 19 7.42 12.97 -22.98
C LEU A 19 6.05 12.29 -22.92
N ALA A 20 5.77 11.46 -23.92
CA ALA A 20 4.47 10.79 -24.04
C ALA A 20 4.17 9.75 -22.95
N HIS A 21 5.22 9.15 -22.39
CA HIS A 21 5.08 8.11 -21.36
C HIS A 21 5.89 8.43 -20.09
N LYS A 22 5.93 9.72 -19.72
CA LYS A 22 6.74 10.17 -18.57
C LYS A 22 6.11 9.74 -17.24
N ASP A 23 4.83 10.06 -17.08
CA ASP A 23 4.13 9.90 -15.80
C ASP A 23 3.37 8.56 -15.68
N GLU A 24 3.51 7.68 -16.66
CA GLU A 24 2.80 6.39 -16.65
C GLU A 24 3.54 5.39 -15.76
N GLU A 25 2.79 4.50 -15.13
CA GLU A 25 3.31 3.62 -14.07
C GLU A 25 4.38 2.66 -14.58
N TRP A 26 4.06 1.94 -15.64
CA TRP A 26 4.96 0.91 -16.20
C TRP A 26 6.32 1.46 -16.63
N PHE A 27 6.33 2.68 -17.19
CA PHE A 27 7.55 3.32 -17.67
C PHE A 27 8.38 3.83 -16.50
N ARG A 28 7.71 4.49 -15.54
CA ARG A 28 8.35 4.90 -14.29
C ARG A 28 9.03 3.72 -13.58
N SER A 29 8.32 2.59 -13.52
CA SER A 29 8.81 1.38 -12.84
C SER A 29 10.10 0.81 -13.45
N LYS A 30 10.28 0.93 -14.76
CA LYS A 30 11.48 0.41 -15.45
C LYS A 30 12.72 1.28 -15.29
N TYR A 31 12.54 2.61 -15.31
CA TYR A 31 13.67 3.55 -15.40
C TYR A 31 13.85 4.54 -14.25
N HIS A 32 12.75 4.97 -13.59
CA HIS A 32 12.84 6.00 -12.55
C HIS A 32 13.46 5.45 -11.25
N PRO A 33 14.60 6.02 -10.80
CA PRO A 33 15.38 5.51 -9.65
C PRO A 33 14.57 5.11 -8.41
N ASP A 34 13.64 5.95 -7.99
CA ASP A 34 12.79 5.67 -6.82
C ASP A 34 11.91 4.44 -7.01
N GLU A 35 11.26 4.37 -8.17
CA GLU A 35 10.31 3.29 -8.47
C GLU A 35 11.00 1.96 -8.80
N VAL A 36 12.21 2.03 -9.35
CA VAL A 36 13.02 0.82 -9.63
C VAL A 36 13.50 0.18 -8.32
N GLY A 37 13.95 1.02 -7.38
CA GLY A 37 14.39 0.55 -6.07
C GLY A 37 13.27 -0.09 -5.25
N LYS A 38 12.13 0.58 -5.21
CA LYS A 38 10.94 0.09 -4.48
C LYS A 38 10.27 -1.12 -5.16
N ARG A 39 10.55 -1.32 -6.46
CA ARG A 39 10.13 -2.53 -7.16
C ARG A 39 10.94 -3.76 -6.74
N ARG A 40 12.26 -3.61 -6.70
CA ARG A 40 13.17 -4.74 -6.39
C ARG A 40 13.07 -5.22 -4.95
N GLN A 41 12.73 -4.32 -4.02
CA GLN A 41 12.47 -4.69 -2.62
C GLN A 41 11.23 -5.57 -2.50
N GLU A 42 10.17 -5.21 -3.24
CA GLU A 42 8.96 -6.03 -3.33
C GLU A 42 9.25 -7.38 -3.99
N ALA A 43 10.06 -7.35 -5.05
CA ALA A 43 10.42 -8.57 -5.79
C ALA A 43 11.19 -9.56 -4.93
N ARG A 44 12.27 -9.09 -4.31
CA ARG A 44 13.09 -9.93 -3.41
C ARG A 44 12.33 -10.35 -2.15
N GLY A 45 11.44 -9.49 -1.67
CA GLY A 45 10.55 -9.83 -0.56
C GLY A 45 9.58 -10.94 -0.90
N ALA A 46 8.99 -10.86 -2.09
CA ALA A 46 8.08 -11.90 -2.60
C ALA A 46 8.82 -13.17 -3.04
N LEU A 47 10.06 -13.00 -3.51
CA LEU A 47 10.91 -14.15 -3.92
C LEU A 47 11.40 -14.95 -2.73
N GLN A 48 11.79 -14.25 -1.65
CA GLN A 48 12.15 -14.89 -0.38
C GLN A 48 10.99 -15.68 0.23
N ASN A 49 9.75 -15.22 0.02
CA ASN A 49 8.56 -15.97 0.42
C ASN A 49 8.43 -17.28 -0.36
N ARG A 50 8.73 -17.25 -1.66
CA ARG A 50 8.75 -18.45 -2.48
C ARG A 50 9.91 -19.41 -2.14
N LEU A 51 11.04 -18.86 -1.68
CA LEU A 51 12.16 -19.66 -1.21
C LEU A 51 11.80 -20.43 0.06
N ARG A 52 11.19 -19.74 1.01
CA ARG A 52 10.69 -20.37 2.25
C ARG A 52 9.75 -21.55 1.96
N VAL A 53 8.89 -21.38 0.95
CA VAL A 53 7.96 -22.42 0.55
C VAL A 53 8.69 -23.65 0.00
N PHE A 54 9.72 -23.42 -0.82
CA PHE A 54 10.54 -24.52 -1.36
C PHE A 54 11.26 -25.28 -0.25
N LEU A 55 11.83 -24.54 0.71
CA LEU A 55 12.51 -25.14 1.86
C LEU A 55 11.52 -25.83 2.80
N SER A 56 10.29 -25.33 2.87
CA SER A 56 9.21 -25.98 3.62
C SER A 56 8.79 -27.31 2.98
N LEU A 57 8.62 -27.30 1.66
CA LEU A 57 8.27 -28.51 0.91
C LEU A 57 9.39 -29.57 0.89
N MET A 58 10.65 -29.15 1.05
CA MET A 58 11.79 -30.07 1.13
C MET A 58 11.75 -30.92 2.40
N GLU A 59 11.84 -30.26 3.56
CA GLU A 59 11.88 -30.96 4.85
C GLU A 59 10.58 -31.71 5.19
N THR A 60 9.44 -31.18 4.76
CA THR A 60 8.15 -31.87 4.90
C THR A 60 8.09 -33.12 4.00
N GLY A 61 8.74 -33.05 2.84
CA GLY A 61 8.85 -34.18 1.93
C GLY A 61 7.66 -34.25 0.98
N TRP A 62 7.33 -33.11 0.39
CA TRP A 62 6.26 -33.03 -0.62
C TRP A 62 6.75 -33.50 -2.00
N PHE A 63 8.06 -33.41 -2.22
CA PHE A 63 8.71 -34.05 -3.38
C PHE A 63 9.85 -34.95 -2.89
N ASP A 64 9.50 -35.89 -2.03
CA ASP A 64 10.44 -36.87 -1.49
C ASP A 64 10.57 -38.04 -2.45
N ASN A 65 9.42 -38.61 -2.83
CA ASN A 65 9.32 -39.59 -3.92
C ASN A 65 8.44 -38.97 -5.01
N LEU A 66 9.03 -38.03 -5.74
CA LEU A 66 8.32 -37.31 -6.79
C LEU A 66 9.29 -36.94 -7.92
N LEU A 67 9.18 -37.65 -9.03
CA LEU A 67 9.94 -37.36 -10.25
C LEU A 67 9.05 -36.61 -11.23
N LEU A 68 9.64 -35.71 -11.99
CA LEU A 68 8.92 -34.93 -13.00
C LEU A 68 8.64 -35.80 -14.23
N ASP A 69 7.62 -36.65 -14.09
CA ASP A 69 7.21 -37.60 -15.13
C ASP A 69 5.70 -37.72 -15.14
N ILE A 70 5.13 -37.95 -16.33
CA ILE A 70 3.67 -38.00 -16.50
C ILE A 70 2.95 -39.14 -15.76
N ASP A 71 3.70 -40.18 -15.37
CA ASP A 71 3.19 -41.23 -14.48
C ASP A 71 2.73 -40.64 -13.14
N LYS A 72 3.50 -39.68 -12.63
CA LYS A 72 3.16 -38.94 -11.41
C LYS A 72 2.67 -37.52 -11.74
N ALA A 73 1.80 -37.38 -12.74
CA ALA A 73 1.25 -36.09 -13.14
C ALA A 73 0.28 -35.55 -12.10
N ASP A 74 -0.56 -36.44 -11.56
CA ASP A 74 -1.52 -36.08 -10.51
C ASP A 74 -0.84 -35.75 -9.18
N ALA A 75 0.28 -36.41 -8.90
CA ALA A 75 1.09 -36.12 -7.70
C ALA A 75 1.76 -34.74 -7.77
N ILE A 76 2.18 -34.32 -8.96
CA ILE A 76 2.77 -32.98 -9.18
C ILE A 76 1.72 -31.88 -8.94
N VAL A 77 0.52 -32.06 -9.49
CA VAL A 77 -0.58 -31.11 -9.30
C VAL A 77 -0.93 -30.97 -7.81
N LYS A 78 -0.95 -32.10 -7.09
CA LYS A 78 -1.18 -32.11 -5.64
C LYS A 78 -0.08 -31.35 -4.88
N MET A 79 1.15 -31.48 -5.35
CA MET A 79 2.28 -30.71 -4.80
C MET A 79 2.20 -29.23 -5.16
N LEU A 80 1.88 -28.91 -6.41
CA LEU A 80 1.76 -27.51 -6.85
C LEU A 80 0.68 -26.76 -6.08
N ASP A 81 -0.43 -27.45 -5.77
CA ASP A 81 -1.46 -26.90 -4.89
C ASP A 81 -0.91 -26.61 -3.49
N ALA A 82 -0.16 -27.56 -2.94
CA ALA A 82 0.49 -27.39 -1.63
C ALA A 82 1.52 -26.25 -1.62
N ALA A 83 2.15 -26.00 -2.77
CA ALA A 83 3.06 -24.86 -2.94
C ALA A 83 2.34 -23.52 -2.85
N VAL A 84 1.22 -23.40 -3.56
CA VAL A 84 0.42 -22.16 -3.57
C VAL A 84 -0.23 -21.92 -2.20
N ILE A 85 -0.68 -22.97 -1.53
CA ILE A 85 -1.23 -22.87 -0.18
C ILE A 85 -0.19 -22.31 0.81
N LYS A 86 1.04 -22.77 0.70
CA LYS A 86 2.15 -22.26 1.53
C LYS A 86 2.58 -20.83 1.14
N MET A 87 2.45 -20.48 -0.14
CA MET A 87 2.67 -19.11 -0.61
C MET A 87 1.65 -18.14 -0.01
N GLU A 88 0.38 -18.56 0.00
CA GLU A 88 -0.70 -17.78 0.64
C GLU A 88 -0.54 -17.77 2.17
N GLY A 89 0.09 -18.81 2.71
CA GLY A 89 0.50 -18.88 4.11
C GLY A 89 -0.27 -19.84 4.99
N GLY A 90 -0.88 -20.87 4.38
CA GLY A 90 -1.69 -21.84 5.11
C GLY A 90 -0.83 -22.83 5.87
N THR A 91 -1.33 -23.28 7.03
CA THR A 91 -0.64 -24.27 7.86
C THR A 91 -0.93 -25.70 7.37
N GLU A 92 -0.33 -26.69 8.03
CA GLU A 92 -0.57 -28.11 7.71
C GLU A 92 -2.05 -28.50 7.76
N ASN A 93 -2.82 -27.85 8.65
CA ASN A 93 -4.27 -28.01 8.69
C ASN A 93 -4.92 -27.64 7.35
N ASP A 94 -4.52 -26.51 6.77
CA ASP A 94 -5.09 -26.01 5.50
C ASP A 94 -4.78 -26.91 4.30
N LEU A 95 -3.67 -27.66 4.37
CA LEU A 95 -3.33 -28.64 3.34
C LEU A 95 -4.24 -29.88 3.31
N ARG A 96 -4.93 -30.16 4.43
CA ARG A 96 -5.74 -31.39 4.57
C ARG A 96 -6.83 -31.62 3.51
N ILE A 97 -7.31 -30.54 2.88
CA ILE A 97 -8.31 -30.68 1.81
C ILE A 97 -7.85 -31.46 0.59
N LEU A 98 -6.54 -31.48 0.34
CA LEU A 98 -5.95 -32.31 -0.73
C LEU A 98 -6.03 -33.81 -0.42
N GLU A 99 -6.12 -34.17 0.86
CA GLU A 99 -6.29 -35.56 1.31
C GLU A 99 -7.78 -35.93 1.35
N CYS B 4 -10.30 -26.22 13.71
CA CYS B 4 -10.41 -25.21 12.67
C CYS B 4 -10.58 -25.84 11.30
N LYS B 5 -11.50 -25.29 10.50
CA LYS B 5 -11.76 -25.78 9.16
C LYS B 5 -10.61 -25.40 8.20
N PRO B 6 -10.23 -26.32 7.29
CA PRO B 6 -9.16 -26.03 6.33
C PRO B 6 -9.65 -25.23 5.11
N ARG B 7 -8.83 -24.28 4.66
CA ARG B 7 -9.21 -23.34 3.60
C ARG B 7 -8.77 -23.84 2.22
N PRO B 8 -9.53 -23.53 1.16
CA PRO B 8 -9.13 -23.87 -0.22
C PRO B 8 -8.28 -22.77 -0.86
N LEU B 9 -7.06 -22.59 -0.33
CA LEU B 9 -6.19 -21.48 -0.72
C LEU B 9 -5.57 -21.65 -2.11
N HIS B 10 -5.43 -22.89 -2.58
CA HIS B 10 -4.90 -23.17 -3.93
C HIS B 10 -5.86 -22.75 -5.06
N LYS B 11 -7.17 -22.78 -4.79
CA LYS B 11 -8.18 -22.37 -5.77
C LYS B 11 -8.48 -20.87 -5.67
N THR B 12 -8.49 -20.18 -6.81
CA THR B 12 -8.79 -18.75 -6.89
C THR B 12 -9.54 -18.41 -8.18
N CYS B 13 -10.77 -17.91 -8.06
CA CYS B 13 -11.53 -17.39 -9.21
C CYS B 13 -11.23 -15.90 -9.41
N SER B 14 -11.22 -15.48 -10.67
CA SER B 14 -10.68 -14.17 -11.06
C SER B 14 -11.33 -13.56 -12.29
N LEU B 15 -11.10 -12.25 -12.47
CA LEU B 15 -11.55 -11.51 -13.65
C LEU B 15 -10.38 -11.30 -14.60
N PHE B 16 -10.70 -11.04 -15.86
CA PHE B 16 -9.71 -10.75 -16.90
C PHE B 16 -10.17 -9.56 -17.73
N MET B 17 -9.26 -8.61 -17.97
CA MET B 17 -9.55 -7.42 -18.75
C MET B 17 -8.65 -7.39 -19.98
N ARG B 18 -9.25 -7.17 -21.15
CA ARG B 18 -8.55 -7.33 -22.43
C ARG B 18 -7.63 -6.14 -22.71
N ASN B 19 -8.19 -4.93 -22.59
CA ASN B 19 -7.46 -3.69 -22.87
C ASN B 19 -7.56 -2.72 -21.70
N ILE B 20 -6.42 -2.44 -21.06
CA ILE B 20 -6.29 -1.42 -20.03
C ILE B 20 -5.23 -0.40 -20.49
N ALA B 21 -5.53 0.88 -20.29
CA ALA B 21 -4.65 1.96 -20.73
C ALA B 21 -3.36 2.02 -19.91
N PRO B 22 -2.26 2.54 -20.52
CA PRO B 22 -0.98 2.65 -19.82
C PRO B 22 -0.94 3.71 -18.71
N ASN B 23 -1.66 4.81 -18.90
CA ASN B 23 -1.78 5.86 -17.87
C ASN B 23 -2.50 5.41 -16.59
N ILE B 24 -3.32 4.36 -16.69
CA ILE B 24 -3.99 3.77 -15.52
C ILE B 24 -2.99 2.93 -14.72
N SER B 25 -2.83 3.26 -13.45
CA SER B 25 -1.97 2.52 -12.53
C SER B 25 -2.77 1.45 -11.77
N ARG B 26 -2.06 0.63 -10.99
CA ARG B 26 -2.66 -0.41 -10.16
C ARG B 26 -3.55 0.20 -9.07
N ALA B 27 -3.10 1.33 -8.52
CA ALA B 27 -3.78 2.03 -7.42
C ALA B 27 -5.29 2.12 -7.61
N GLU B 28 -5.72 2.74 -8.71
CA GLU B 28 -7.15 2.93 -8.98
C GLU B 28 -7.90 1.63 -9.33
N ILE B 29 -7.21 0.67 -9.97
CA ILE B 29 -7.82 -0.63 -10.27
C ILE B 29 -8.01 -1.45 -8.98
N ILE B 30 -7.04 -1.37 -8.07
CA ILE B 30 -7.15 -2.03 -6.78
C ILE B 30 -8.30 -1.43 -5.97
N SER B 31 -8.29 -0.10 -5.80
CA SER B 31 -9.32 0.60 -5.02
C SER B 31 -10.73 0.53 -5.63
N LEU B 32 -10.82 0.35 -6.94
CA LEU B 32 -12.09 0.05 -7.61
C LEU B 32 -12.63 -1.31 -7.13
N CYS B 33 -11.79 -2.34 -7.25
CA CYS B 33 -12.17 -3.71 -6.91
C CYS B 33 -12.01 -4.07 -5.42
N LYS B 34 -11.41 -3.18 -4.63
CA LYS B 34 -11.13 -3.46 -3.22
C LYS B 34 -12.40 -3.69 -2.41
N ARG B 35 -13.42 -2.89 -2.65
CA ARG B 35 -14.59 -2.95 -1.75
C ARG B 35 -15.49 -4.17 -1.91
N TYR B 36 -15.28 -5.06 -2.91
CA TYR B 36 -15.97 -6.34 -2.93
C TYR B 36 -15.27 -7.27 -1.95
N PRO B 37 -16.03 -7.94 -1.05
CA PRO B 37 -15.38 -8.80 -0.06
C PRO B 37 -14.76 -10.03 -0.71
N GLY B 38 -13.62 -10.47 -0.18
CA GLY B 38 -12.86 -11.58 -0.76
C GLY B 38 -11.93 -11.19 -1.89
N PHE B 39 -11.64 -9.89 -2.03
CA PHE B 39 -10.65 -9.42 -3.00
C PHE B 39 -9.25 -9.73 -2.47
N MET B 40 -8.33 -10.07 -3.38
CA MET B 40 -6.96 -10.46 -3.03
C MET B 40 -5.91 -9.55 -3.66
N ARG B 41 -5.85 -9.53 -4.98
CA ARG B 41 -4.75 -8.83 -5.68
C ARG B 41 -5.03 -8.61 -7.18
N VAL B 42 -4.50 -7.50 -7.70
CA VAL B 42 -4.57 -7.17 -9.12
C VAL B 42 -3.22 -7.46 -9.76
N ALA B 43 -3.25 -7.92 -11.01
CA ALA B 43 -2.04 -8.21 -11.78
C ALA B 43 -2.17 -7.66 -13.20
N LEU B 44 -1.18 -6.88 -13.63
CA LEU B 44 -1.14 -6.31 -14.98
C LEU B 44 0.02 -6.93 -15.76
N SER B 45 -0.20 -7.17 -17.06
CA SER B 45 0.83 -7.69 -17.94
C SER B 45 1.76 -6.57 -18.40
N GLU B 46 2.85 -6.96 -19.06
CA GLU B 46 3.77 -6.01 -19.67
C GLU B 46 3.05 -5.40 -20.88
N PRO B 47 3.07 -4.06 -21.02
CA PRO B 47 2.39 -3.43 -22.16
C PRO B 47 3.06 -3.75 -23.50
N GLN B 48 2.26 -3.76 -24.56
CA GLN B 48 2.69 -4.22 -25.89
C GLN B 48 2.56 -3.07 -26.88
N PRO B 49 3.65 -2.75 -27.63
CA PRO B 49 3.66 -1.59 -28.54
C PRO B 49 2.70 -1.69 -29.73
N GLU B 50 2.36 -2.91 -30.14
CA GLU B 50 1.39 -3.16 -31.22
C GLU B 50 -0.02 -2.63 -30.92
N ARG B 51 -0.42 -2.59 -29.66
CA ARG B 51 -1.68 -2.00 -29.22
C ARG B 51 -1.48 -0.65 -28.49
N ARG B 52 -0.43 0.08 -28.88
CA ARG B 52 -0.05 1.35 -28.23
C ARG B 52 0.10 1.23 -26.71
N PHE B 53 0.81 0.19 -26.29
CA PHE B 53 1.17 -0.06 -24.88
C PHE B 53 -0.05 -0.18 -23.97
N PHE B 54 -0.93 -1.13 -24.30
CA PHE B 54 -2.09 -1.45 -23.48
C PHE B 54 -1.84 -2.76 -22.72
N ARG B 55 -2.30 -2.81 -21.48
CA ARG B 55 -1.99 -3.88 -20.54
C ARG B 55 -3.18 -4.83 -20.39
N ARG B 56 -2.88 -6.11 -20.16
CA ARG B 56 -3.90 -7.12 -19.89
C ARG B 56 -3.99 -7.34 -18.38
N GLY B 57 -5.14 -7.04 -17.80
CA GLY B 57 -5.33 -7.10 -16.34
C GLY B 57 -5.85 -8.44 -15.83
N TRP B 58 -5.66 -8.67 -14.53
CA TRP B 58 -6.14 -9.88 -13.85
C TRP B 58 -6.46 -9.59 -12.39
N VAL B 59 -7.75 -9.43 -12.07
CA VAL B 59 -8.20 -9.17 -10.70
C VAL B 59 -8.57 -10.49 -10.05
N THR B 60 -7.82 -10.88 -9.02
CA THR B 60 -7.97 -12.17 -8.36
C THR B 60 -8.83 -12.07 -7.10
N PHE B 61 -9.75 -13.02 -6.93
CA PHE B 61 -10.66 -13.07 -5.78
C PHE B 61 -10.60 -14.43 -5.07
N ASP B 62 -11.14 -14.46 -3.86
CA ASP B 62 -11.22 -15.68 -3.04
C ASP B 62 -12.24 -16.65 -3.65
N ARG B 63 -12.12 -17.94 -3.30
CA ARG B 63 -13.03 -18.97 -3.81
C ARG B 63 -14.47 -18.84 -3.29
N SER B 64 -14.63 -18.31 -2.07
CA SER B 64 -15.96 -18.12 -1.47
C SER B 64 -16.66 -16.84 -1.95
N VAL B 65 -16.62 -16.62 -3.27
CA VAL B 65 -17.14 -15.40 -3.90
C VAL B 65 -17.78 -15.78 -5.23
N ASN B 66 -18.89 -15.13 -5.56
CA ASN B 66 -19.57 -15.31 -6.85
C ASN B 66 -18.96 -14.32 -7.84
N ILE B 67 -18.03 -14.83 -8.66
CA ILE B 67 -17.31 -14.03 -9.64
C ILE B 67 -18.20 -13.54 -10.80
N LYS B 68 -19.27 -14.29 -11.10
CA LYS B 68 -20.19 -13.95 -12.19
C LYS B 68 -20.96 -12.66 -11.91
N GLU B 69 -21.38 -12.48 -10.66
CA GLU B 69 -22.02 -11.23 -10.22
C GLU B 69 -21.07 -10.05 -10.27
N ILE B 70 -19.86 -10.25 -9.75
CA ILE B 70 -18.83 -9.21 -9.68
C ILE B 70 -18.33 -8.83 -11.09
N CYS B 71 -18.29 -9.80 -12.00
CA CYS B 71 -17.96 -9.55 -13.41
C CYS B 71 -19.05 -8.74 -14.11
N TRP B 72 -20.31 -9.03 -13.78
CA TRP B 72 -21.44 -8.25 -14.29
C TRP B 72 -21.48 -6.84 -13.70
N ASN B 73 -21.24 -6.73 -12.39
CA ASN B 73 -21.22 -5.44 -11.68
C ASN B 73 -20.28 -4.41 -12.35
N LEU B 74 -19.09 -4.85 -12.72
CA LEU B 74 -18.08 -3.98 -13.35
C LEU B 74 -18.14 -4.00 -14.90
N GLN B 75 -19.18 -4.59 -15.48
CA GLN B 75 -19.25 -4.85 -16.92
C GLN B 75 -19.28 -3.56 -17.74
N ASN B 76 -20.16 -2.64 -17.35
CA ASN B 76 -20.29 -1.35 -18.01
C ASN B 76 -19.81 -0.27 -17.05
N ILE B 77 -18.53 -0.35 -16.68
CA ILE B 77 -17.86 0.65 -15.83
C ILE B 77 -16.52 1.03 -16.45
N ARG B 78 -16.34 2.32 -16.71
CA ARG B 78 -15.09 2.88 -17.24
C ARG B 78 -14.20 3.36 -16.10
N LEU B 79 -12.94 3.62 -16.45
CA LEU B 79 -11.94 4.09 -15.50
C LEU B 79 -10.89 4.92 -16.24
N ARG B 80 -10.98 6.24 -16.11
CA ARG B 80 -10.07 7.18 -16.77
C ARG B 80 -10.13 7.05 -18.31
N GLU B 81 -11.35 7.19 -18.84
CA GLU B 81 -11.62 7.09 -20.28
C GLU B 81 -11.18 5.74 -20.88
N CYS B 82 -11.55 4.66 -20.20
CA CYS B 82 -11.20 3.31 -20.63
C CYS B 82 -12.16 2.29 -20.02
N GLU B 83 -12.97 1.66 -20.87
CA GLU B 83 -13.90 0.63 -20.43
C GLU B 83 -13.13 -0.65 -20.11
N LEU B 84 -13.27 -1.14 -18.88
CA LEU B 84 -12.59 -2.35 -18.44
C LEU B 84 -13.25 -3.57 -19.07
N SER B 85 -14.57 -3.69 -18.87
CA SER B 85 -15.38 -4.79 -19.41
C SER B 85 -14.76 -6.16 -19.10
N PRO B 86 -14.77 -6.58 -17.82
CA PRO B 86 -14.15 -7.84 -17.45
C PRO B 86 -14.85 -9.09 -17.99
N GLY B 87 -14.11 -10.19 -18.02
CA GLY B 87 -14.63 -11.52 -18.32
C GLY B 87 -14.11 -12.51 -17.31
N VAL B 88 -14.93 -13.49 -16.93
CA VAL B 88 -14.57 -14.47 -15.90
C VAL B 88 -13.48 -15.40 -16.43
N ASN B 89 -12.27 -15.24 -15.88
CA ASN B 89 -11.11 -16.05 -16.27
C ASN B 89 -11.24 -17.45 -15.65
N ARG B 90 -11.48 -18.44 -16.51
CA ARG B 90 -11.61 -19.84 -16.06
C ARG B 90 -10.26 -20.43 -15.66
N ASP B 91 -10.30 -21.49 -14.87
CA ASP B 91 -9.09 -22.12 -14.32
C ASP B 91 -8.31 -22.87 -15.38
N LEU B 92 -7.05 -23.18 -15.07
CA LEU B 92 -6.18 -23.93 -15.98
C LEU B 92 -6.56 -25.40 -15.98
N THR B 93 -6.82 -25.95 -17.16
CA THR B 93 -7.22 -27.35 -17.32
C THR B 93 -5.99 -28.25 -17.38
N ARG B 94 -5.14 -28.01 -18.38
CA ARG B 94 -3.97 -28.85 -18.65
C ARG B 94 -2.72 -28.22 -18.04
N ARG B 95 -2.40 -28.63 -16.81
CA ARG B 95 -1.22 -28.10 -16.10
C ARG B 95 0.06 -28.85 -16.47
N VAL B 96 0.11 -30.14 -16.12
CA VAL B 96 1.30 -30.96 -16.37
C VAL B 96 1.38 -31.33 -17.85
N ARG B 97 2.20 -30.60 -18.60
CA ARG B 97 2.38 -30.82 -20.05
C ARG B 97 3.64 -31.64 -20.34
N ASN B 98 3.63 -32.29 -21.50
CA ASN B 98 4.74 -33.15 -21.94
C ASN B 98 5.75 -32.41 -22.79
N ILE B 99 6.94 -33.00 -22.91
CA ILE B 99 7.93 -32.64 -23.92
C ILE B 99 8.46 -33.95 -24.53
N ASN B 100 9.42 -33.85 -25.44
CA ASN B 100 10.01 -35.03 -26.08
C ASN B 100 10.55 -36.02 -25.04
N GLY B 101 10.32 -37.32 -25.29
CA GLY B 101 10.75 -38.40 -24.38
C GLY B 101 12.25 -38.68 -24.33
N ILE B 102 13.01 -38.05 -25.21
CA ILE B 102 14.49 -38.16 -25.22
C ILE B 102 15.13 -37.64 -23.92
N THR B 103 14.48 -36.67 -23.27
CA THR B 103 15.05 -35.97 -22.10
C THR B 103 15.19 -36.77 -20.78
N GLN B 104 14.86 -38.07 -20.79
CA GLN B 104 15.05 -38.95 -19.61
C GLN B 104 16.20 -39.96 -19.82
N HIS B 105 17.26 -39.50 -20.49
CA HIS B 105 18.41 -40.30 -20.89
C HIS B 105 19.61 -39.95 -20.00
N LYS B 106 20.54 -40.89 -19.84
CA LYS B 106 21.72 -40.72 -18.97
C LYS B 106 22.54 -39.46 -19.29
N GLN B 107 22.96 -39.36 -20.55
CA GLN B 107 23.83 -38.27 -21.02
C GLN B 107 23.15 -36.90 -21.07
N ILE B 108 21.86 -36.88 -21.42
CA ILE B 108 21.11 -35.63 -21.58
C ILE B 108 20.60 -35.07 -20.26
N VAL B 109 20.33 -35.95 -19.29
CA VAL B 109 20.03 -35.53 -17.91
C VAL B 109 21.27 -34.89 -17.27
N ARG B 110 22.43 -35.51 -17.48
CA ARG B 110 23.71 -34.94 -17.04
C ARG B 110 23.95 -33.55 -17.62
N ASN B 111 23.62 -33.38 -18.91
CA ASN B 111 23.68 -32.08 -19.59
C ASN B 111 22.73 -31.07 -18.92
N ASP B 112 21.50 -31.50 -18.65
CA ASP B 112 20.49 -30.64 -18.00
C ASP B 112 20.83 -30.29 -16.54
N ILE B 113 21.58 -31.15 -15.84
CA ILE B 113 22.04 -30.83 -14.48
C ILE B 113 23.11 -29.73 -14.50
N LYS B 114 23.95 -29.72 -15.54
CA LYS B 114 24.96 -28.67 -15.72
C LYS B 114 24.30 -27.31 -16.01
N LEU B 115 23.35 -27.30 -16.94
CA LEU B 115 22.62 -26.09 -17.33
C LEU B 115 21.73 -25.57 -16.21
N ALA B 116 21.04 -26.47 -15.51
CA ALA B 116 20.21 -26.09 -14.36
C ALA B 116 21.04 -25.50 -13.23
N ALA B 117 22.21 -26.09 -12.98
CA ALA B 117 23.16 -25.56 -11.99
C ALA B 117 23.67 -24.17 -12.36
N LYS B 118 23.93 -23.95 -13.65
CA LYS B 118 24.35 -22.65 -14.18
C LYS B 118 23.25 -21.60 -14.00
N LEU B 119 22.00 -21.96 -14.32
CA LEU B 119 20.84 -21.08 -14.14
C LEU B 119 20.66 -20.64 -12.69
N ILE B 120 20.76 -21.59 -11.77
CA ILE B 120 20.55 -21.32 -10.34
C ILE B 120 21.66 -20.42 -9.77
N HIS B 121 22.91 -20.67 -10.16
CA HIS B 121 24.03 -19.78 -9.81
C HIS B 121 23.79 -18.35 -10.27
N THR B 122 23.33 -18.20 -11.52
CA THR B 122 23.07 -16.89 -12.11
C THR B 122 21.88 -16.20 -11.45
N LEU B 123 20.76 -16.92 -11.32
CA LEU B 123 19.53 -16.36 -10.73
C LEU B 123 19.67 -16.02 -9.25
N ASP B 124 20.47 -16.79 -8.50
CA ASP B 124 20.76 -16.47 -7.10
C ASP B 124 21.63 -15.22 -6.95
N ASP B 125 22.56 -15.00 -7.89
CA ASP B 125 23.36 -13.76 -7.93
C ASP B 125 22.51 -12.56 -8.34
N ARG B 126 21.79 -12.72 -9.44
CA ARG B 126 20.92 -11.68 -10.02
C ARG B 126 19.90 -11.15 -8.99
N THR B 127 19.18 -12.07 -8.36
CA THR B 127 18.16 -11.73 -7.36
C THR B 127 18.78 -11.40 -5.99
N GLN B 128 19.93 -12.02 -5.71
CA GLN B 128 20.69 -11.81 -4.48
C GLN B 128 19.96 -12.37 -3.25
N LEU B 129 19.63 -13.67 -3.34
CA LEU B 129 19.22 -14.46 -2.18
C LEU B 129 20.47 -14.99 -1.48
N TRP B 130 20.29 -15.52 -0.27
CA TRP B 130 21.37 -16.10 0.55
C TRP B 130 22.42 -15.06 0.96
N GLN B 146 24.99 -19.98 1.35
CA GLN B 146 24.84 -20.41 -0.04
C GLN B 146 23.79 -21.51 -0.21
N ASN B 147 23.47 -21.82 -1.47
CA ASN B 147 22.34 -22.70 -1.81
C ASN B 147 22.65 -24.17 -1.47
N PRO B 148 21.84 -24.79 -0.58
CA PRO B 148 22.12 -26.19 -0.19
C PRO B 148 21.90 -27.23 -1.29
N ILE B 149 20.97 -26.99 -2.23
CA ILE B 149 20.80 -27.89 -3.39
C ILE B 149 21.98 -27.86 -4.38
N LEU B 150 22.81 -26.82 -4.32
CA LEU B 150 24.07 -26.77 -5.07
C LEU B 150 25.26 -27.07 -4.17
N LYS B 151 25.28 -28.28 -3.62
CA LYS B 151 26.42 -28.80 -2.85
C LYS B 151 26.81 -30.15 -3.43
N ASN B 152 28.06 -30.26 -3.90
CA ASN B 152 28.57 -31.46 -4.55
C ASN B 152 27.79 -31.86 -5.81
N ILE B 153 27.37 -30.86 -6.59
CA ILE B 153 26.77 -31.09 -7.91
C ILE B 153 27.84 -31.54 -8.90
N THR B 154 29.06 -31.03 -8.72
CA THR B 154 30.23 -31.45 -9.54
C THR B 154 30.51 -32.96 -9.50
N ASP B 155 30.14 -33.62 -8.40
CA ASP B 155 30.22 -35.09 -8.30
C ASP B 155 29.32 -35.79 -9.32
N TYR B 156 28.15 -35.22 -9.58
CA TYR B 156 27.17 -35.80 -10.53
C TYR B 156 27.42 -35.40 -11.99
N LEU B 157 28.17 -34.32 -12.22
CA LEU B 157 28.52 -33.89 -13.58
C LEU B 157 29.61 -34.77 -14.23
N ILE B 158 30.54 -35.27 -13.42
CA ILE B 158 31.62 -36.14 -13.93
C ILE B 158 31.14 -37.55 -14.29
N GLU B 159 31.70 -38.12 -15.36
CA GLU B 159 31.49 -39.54 -15.68
C GLU B 159 32.27 -40.41 -14.71
N GLU B 160 31.75 -41.60 -14.45
CA GLU B 160 32.40 -42.59 -13.60
C GLU B 160 32.24 -43.96 -14.25
N VAL B 161 33.35 -44.51 -14.76
CA VAL B 161 33.32 -45.74 -15.56
C VAL B 161 34.43 -46.72 -15.16
N SER B 162 34.23 -47.99 -15.50
CA SER B 162 35.24 -49.03 -15.32
C SER B 162 35.94 -49.29 -16.65
N ALA B 163 36.93 -48.46 -16.95
CA ALA B 163 37.67 -48.54 -18.22
C ALA B 163 38.80 -49.57 -18.16
N GLU B 164 39.52 -49.60 -17.03
CA GLU B 164 40.62 -50.55 -16.82
C GLU B 164 40.15 -52.01 -16.87
N GLU B 165 39.00 -52.30 -16.26
CA GLU B 165 38.44 -53.65 -16.25
C GLU B 165 37.98 -54.10 -17.65
N GLU B 166 37.61 -53.15 -18.50
CA GLU B 166 37.32 -53.40 -19.92
C GLU B 166 38.60 -53.54 -20.75
N GLU B 167 39.61 -52.71 -20.44
CA GLU B 167 40.88 -52.69 -21.17
C GLU B 167 41.69 -53.98 -20.97
N LEU B 168 41.77 -54.46 -19.74
CA LEU B 168 42.52 -55.68 -19.41
C LEU B 168 41.86 -56.93 -19.99
N LEU B 169 40.55 -57.07 -19.80
CA LEU B 169 39.80 -58.25 -20.26
C LEU B 169 39.61 -58.26 -21.78
N GLY B 170 39.15 -57.13 -22.34
CA GLY B 170 38.87 -57.02 -23.77
C GLY B 170 40.12 -56.99 -24.64
N GLU B 192 18.19 -44.74 -21.98
CA GLU B 192 18.08 -45.50 -20.74
C GLU B 192 18.06 -44.58 -19.52
N ARG B 193 17.34 -45.01 -18.49
CA ARG B 193 17.15 -44.23 -17.26
C ARG B 193 18.27 -44.47 -16.25
N ASP B 194 18.61 -43.41 -15.50
CA ASP B 194 19.47 -43.51 -14.32
C ASP B 194 18.87 -42.62 -13.24
N GLU B 195 18.04 -43.22 -12.38
CA GLU B 195 17.26 -42.47 -11.38
C GLU B 195 18.08 -41.68 -10.35
N LYS B 196 19.33 -42.10 -10.10
CA LYS B 196 20.23 -41.36 -9.22
C LYS B 196 20.55 -39.95 -9.73
N LEU B 197 20.69 -39.82 -11.06
CA LEU B 197 20.87 -38.51 -11.71
C LEU B 197 19.56 -37.72 -11.80
N ILE B 198 18.45 -38.41 -12.06
CA ILE B 198 17.14 -37.77 -12.20
C ILE B 198 16.65 -37.16 -10.87
N LYS B 199 16.84 -37.87 -9.76
CA LYS B 199 16.49 -37.35 -8.43
C LYS B 199 17.27 -36.08 -8.03
N VAL B 200 18.48 -35.92 -8.54
CA VAL B 200 19.25 -34.69 -8.37
C VAL B 200 18.65 -33.58 -9.23
N LEU B 201 18.42 -33.89 -10.51
CA LEU B 201 17.86 -32.92 -11.47
C LEU B 201 16.54 -32.33 -11.00
N ASP B 202 15.65 -33.17 -10.48
CA ASP B 202 14.32 -32.74 -10.05
C ASP B 202 14.38 -31.69 -8.94
N LYS B 203 15.24 -31.88 -7.95
CA LYS B 203 15.45 -30.88 -6.89
C LYS B 203 15.94 -29.53 -7.45
N LEU B 204 16.76 -29.58 -8.51
CA LEU B 204 17.21 -28.36 -9.20
C LEU B 204 16.08 -27.73 -10.03
N LEU B 205 15.37 -28.55 -10.79
CA LEU B 205 14.27 -28.06 -11.65
C LEU B 205 13.08 -27.54 -10.86
N LEU B 206 12.73 -28.22 -9.77
CA LEU B 206 11.66 -27.74 -8.87
C LEU B 206 12.03 -26.43 -8.18
N TYR B 207 13.30 -26.27 -7.81
CA TYR B 207 13.79 -25.00 -7.25
C TYR B 207 13.64 -23.86 -8.28
N LEU B 208 14.09 -24.11 -9.51
CA LEU B 208 13.94 -23.13 -10.60
C LEU B 208 12.48 -22.74 -10.83
N ARG B 209 11.58 -23.71 -10.76
CA ARG B 209 10.17 -23.47 -11.04
C ARG B 209 9.49 -22.79 -9.85
N ILE B 210 9.59 -23.37 -8.65
CA ILE B 210 8.90 -22.83 -7.48
C ILE B 210 9.43 -21.47 -7.05
N VAL B 211 10.74 -21.30 -6.99
CA VAL B 211 11.34 -20.04 -6.55
C VAL B 211 11.33 -19.00 -7.68
N HIS B 212 12.13 -19.24 -8.72
CA HIS B 212 12.36 -18.23 -9.76
C HIS B 212 11.34 -18.18 -10.91
N SER B 213 10.26 -18.96 -10.82
CA SER B 213 9.21 -18.99 -11.84
C SER B 213 9.78 -19.30 -13.22
N LEU B 214 10.66 -20.30 -13.27
CA LEU B 214 11.30 -20.73 -14.50
C LEU B 214 10.92 -22.18 -14.78
N ASP B 215 10.03 -22.37 -15.76
CA ASP B 215 9.70 -23.69 -16.28
C ASP B 215 10.83 -24.13 -17.21
N TYR B 216 11.54 -25.18 -16.82
CA TYR B 216 12.80 -25.55 -17.47
C TYR B 216 12.59 -26.16 -18.85
N TYR B 217 11.79 -27.22 -18.91
CA TYR B 217 11.60 -27.99 -20.15
C TYR B 217 10.87 -27.22 -21.26
N ASN B 218 9.93 -26.36 -20.89
CA ASN B 218 9.29 -25.45 -21.85
C ASN B 218 10.24 -24.31 -22.26
N THR B 219 11.15 -23.94 -21.35
CA THR B 219 12.20 -22.95 -21.58
C THR B 219 11.58 -21.54 -21.65
N CYS B 220 11.08 -21.10 -20.50
CA CYS B 220 10.40 -19.81 -20.39
C CYS B 220 10.23 -19.39 -18.93
N GLU B 221 10.22 -18.08 -18.70
CA GLU B 221 9.91 -17.49 -17.40
C GLU B 221 8.44 -17.10 -17.33
N TYR B 222 7.90 -17.09 -16.11
CA TYR B 222 6.54 -16.59 -15.84
C TYR B 222 6.65 -15.47 -14.79
N PRO B 223 7.22 -14.30 -15.18
CA PRO B 223 7.68 -13.29 -14.22
C PRO B 223 6.63 -12.74 -13.23
N ASN B 224 5.40 -12.53 -13.70
CA ASN B 224 4.34 -11.94 -12.87
C ASN B 224 3.47 -12.96 -12.11
N GLU B 225 3.81 -14.26 -12.19
CA GLU B 225 3.03 -15.32 -11.53
C GLU B 225 2.56 -15.06 -10.09
N ASP B 226 3.43 -14.43 -9.29
CA ASP B 226 3.13 -14.23 -7.86
C ASP B 226 1.96 -13.25 -7.60
N GLU B 227 1.66 -12.40 -8.58
CA GLU B 227 0.46 -11.52 -8.53
C GLU B 227 -0.77 -12.13 -9.22
N MET B 228 -0.54 -12.85 -10.32
CA MET B 228 -1.61 -13.43 -11.15
C MET B 228 -2.40 -14.52 -10.41
N PRO B 229 -3.63 -14.83 -10.87
CA PRO B 229 -4.55 -15.67 -10.09
C PRO B 229 -3.98 -17.03 -9.68
N ASN B 230 -3.45 -17.77 -10.65
CA ASN B 230 -2.82 -19.06 -10.39
C ASN B 230 -1.32 -18.83 -10.22
N ARG B 231 -0.83 -19.04 -8.99
CA ARG B 231 0.56 -18.72 -8.62
C ARG B 231 1.54 -19.71 -9.25
N CYS B 232 1.19 -21.00 -9.22
CA CYS B 232 1.96 -22.06 -9.86
C CYS B 232 1.07 -22.82 -10.85
N GLY B 233 1.05 -22.33 -12.09
CA GLY B 233 0.20 -22.90 -13.14
C GLY B 233 0.85 -24.02 -13.92
N ILE B 234 1.36 -23.69 -15.11
CA ILE B 234 1.77 -24.68 -16.10
C ILE B 234 3.22 -25.12 -15.90
N ILE B 235 3.41 -26.35 -15.40
CA ILE B 235 4.73 -26.99 -15.31
C ILE B 235 4.90 -28.01 -16.45
N HIS B 236 6.12 -28.12 -16.96
CA HIS B 236 6.43 -29.05 -18.05
C HIS B 236 7.28 -30.22 -17.57
N VAL B 237 7.07 -31.37 -18.20
CA VAL B 237 7.47 -32.67 -17.68
C VAL B 237 7.94 -33.55 -18.83
N ARG B 238 8.80 -34.52 -18.52
CA ARG B 238 9.38 -35.43 -19.53
C ARG B 238 8.33 -36.34 -20.16
N GLY B 239 8.59 -36.75 -21.41
CA GLY B 239 7.68 -37.62 -22.16
C GLY B 239 7.61 -39.04 -21.62
N PRO B 240 6.77 -39.90 -22.23
CA PRO B 240 6.61 -41.26 -21.74
C PRO B 240 7.86 -42.12 -22.00
N MET B 241 8.23 -42.28 -23.27
CA MET B 241 9.46 -42.94 -23.72
C MET B 241 9.52 -42.96 -25.25
N PRO B 242 10.73 -42.96 -25.84
CA PRO B 242 10.80 -43.06 -27.31
C PRO B 242 10.52 -44.50 -27.78
N PRO B 243 9.72 -44.68 -28.85
CA PRO B 243 9.40 -46.03 -29.33
C PRO B 243 10.59 -46.73 -30.02
N ASN B 244 11.31 -46.00 -30.87
CA ASN B 244 12.46 -46.53 -31.61
C ASN B 244 13.76 -46.43 -30.78
N ARG B 245 14.89 -46.82 -31.39
CA ARG B 245 16.21 -46.71 -30.74
C ARG B 245 16.61 -45.25 -30.53
N ILE B 246 17.43 -45.02 -29.51
CA ILE B 246 17.99 -43.68 -29.25
C ILE B 246 19.20 -43.52 -30.18
N SER B 247 19.12 -42.55 -31.09
CA SER B 247 20.14 -42.35 -32.13
C SER B 247 21.44 -41.76 -31.56
N HIS B 248 22.50 -41.82 -32.37
CA HIS B 248 23.84 -41.44 -31.93
C HIS B 248 23.99 -39.91 -31.87
N GLY B 249 23.78 -39.27 -33.03
CA GLY B 249 23.94 -37.82 -33.16
C GLY B 249 22.74 -36.98 -32.76
N GLU B 250 21.56 -37.61 -32.67
CA GLU B 250 20.32 -36.90 -32.30
C GLU B 250 20.31 -36.40 -30.85
N VAL B 251 21.01 -37.11 -29.95
CA VAL B 251 21.12 -36.70 -28.55
C VAL B 251 21.96 -35.42 -28.42
N LEU B 252 23.03 -35.33 -29.21
CA LEU B 252 23.87 -34.11 -29.27
C LEU B 252 23.14 -32.92 -29.91
N GLU B 253 22.29 -33.19 -30.92
CA GLU B 253 21.52 -32.14 -31.60
C GLU B 253 20.45 -31.51 -30.71
N TRP B 254 19.84 -32.30 -29.82
CA TRP B 254 18.91 -31.77 -28.82
C TRP B 254 19.61 -30.81 -27.87
N GLN B 255 20.79 -31.20 -27.39
CA GLN B 255 21.58 -30.39 -26.44
C GLN B 255 22.01 -29.04 -27.01
N LYS B 256 22.29 -29.00 -28.32
CA LYS B 256 22.59 -27.74 -29.02
C LYS B 256 21.36 -26.85 -29.18
N THR B 257 20.22 -27.47 -29.53
CA THR B 257 18.95 -26.75 -29.69
C THR B 257 18.38 -26.29 -28.34
N PHE B 258 18.48 -27.14 -27.32
CA PHE B 258 17.93 -26.86 -25.99
C PHE B 258 18.68 -25.73 -25.28
N GLU B 259 20.01 -25.73 -25.38
CA GLU B 259 20.84 -24.67 -24.82
C GLU B 259 20.69 -23.33 -25.55
N GLU B 260 20.35 -23.38 -26.84
CA GLU B 260 20.08 -22.17 -27.64
C GLU B 260 18.84 -21.41 -27.17
N LYS B 261 17.81 -22.15 -26.74
CA LYS B 261 16.59 -21.55 -26.18
C LYS B 261 16.80 -20.97 -24.78
N LEU B 262 17.63 -21.63 -23.97
CA LEU B 262 17.91 -21.19 -22.58
C LEU B 262 18.76 -19.91 -22.48
N THR B 263 19.59 -19.63 -23.49
CA THR B 263 20.52 -18.49 -23.45
C THR B 263 19.85 -17.09 -23.38
N PRO B 264 18.70 -16.88 -24.07
CA PRO B 264 17.88 -15.69 -23.84
C PRO B 264 17.44 -15.42 -22.39
N LEU B 265 17.22 -16.47 -21.60
CA LEU B 265 16.75 -16.33 -20.21
C LEU B 265 17.80 -15.74 -19.27
N LEU B 266 19.08 -15.92 -19.59
CA LEU B 266 20.18 -15.28 -18.88
C LEU B 266 20.80 -14.16 -19.72
N SER B 267 19.95 -13.24 -20.18
CA SER B 267 20.38 -12.10 -20.99
C SER B 267 20.48 -10.86 -20.09
N VAL B 268 21.67 -10.26 -20.05
CA VAL B 268 21.88 -9.00 -19.33
C VAL B 268 21.24 -7.88 -20.14
N ARG B 269 20.71 -6.87 -19.46
CA ARG B 269 20.03 -5.75 -20.11
C ARG B 269 21.02 -4.95 -20.96
N GLU B 270 20.60 -4.59 -22.17
CA GLU B 270 21.45 -3.92 -23.16
C GLU B 270 21.86 -2.51 -22.74
N SER B 271 22.95 -2.02 -23.35
CA SER B 271 23.45 -0.68 -23.10
C SER B 271 24.24 -0.16 -24.30
N LEU B 272 24.06 1.11 -24.64
CA LEU B 272 24.82 1.75 -25.73
C LEU B 272 26.23 2.07 -25.28
N SER B 273 27.13 2.26 -26.25
CA SER B 273 28.51 2.65 -25.97
C SER B 273 28.58 4.10 -25.51
N GLU B 274 29.73 4.48 -24.93
CA GLU B 274 29.92 5.84 -24.38
C GLU B 274 29.70 6.94 -25.42
N GLU B 275 30.26 6.75 -26.62
CA GLU B 275 30.11 7.70 -27.73
C GLU B 275 28.70 7.71 -28.30
N GLU B 276 28.13 6.53 -28.51
CA GLU B 276 26.77 6.39 -29.07
C GLU B 276 25.71 6.95 -28.11
N ALA B 277 25.89 6.75 -26.81
CA ALA B 277 25.00 7.30 -25.80
C ALA B 277 25.09 8.83 -25.69
N GLN B 278 26.30 9.35 -25.83
CA GLN B 278 26.54 10.81 -25.77
C GLN B 278 26.00 11.52 -27.02
N LYS B 279 26.14 10.89 -28.19
CA LYS B 279 25.60 11.42 -29.45
C LYS B 279 24.06 11.43 -29.48
N MET B 280 23.42 10.46 -28.84
CA MET B 280 21.96 10.48 -28.65
C MET B 280 21.51 11.58 -27.70
N GLY B 281 22.35 11.90 -26.71
CA GLY B 281 22.18 13.08 -25.86
C GLY B 281 22.09 12.77 -24.37
N ARG B 282 23.10 12.09 -23.84
CA ARG B 282 23.16 11.74 -22.42
C ARG B 282 23.36 13.02 -21.60
N LYS B 283 22.33 13.42 -20.87
CA LYS B 283 22.39 14.63 -20.05
C LYS B 283 23.19 14.37 -18.78
N ASP B 284 24.21 15.20 -18.55
CA ASP B 284 25.08 15.09 -17.37
C ASP B 284 24.32 15.60 -16.13
N PRO B 285 24.47 14.93 -14.96
CA PRO B 285 23.69 15.37 -13.79
C PRO B 285 24.10 16.75 -13.25
N GLU B 286 25.38 16.90 -12.93
CA GLU B 286 25.90 18.16 -12.36
C GLU B 286 25.80 19.38 -13.31
N GLN B 287 25.85 19.13 -14.61
CA GLN B 287 25.72 20.18 -15.62
C GLN B 287 24.29 20.74 -15.68
N GLU B 288 23.30 19.84 -15.69
CA GLU B 288 21.89 20.24 -15.75
C GLU B 288 21.35 20.73 -14.39
N VAL B 289 22.05 20.42 -13.29
CA VAL B 289 21.79 21.05 -11.99
C VAL B 289 22.18 22.53 -12.03
N GLU B 290 23.30 22.84 -12.70
CA GLU B 290 23.74 24.22 -12.90
C GLU B 290 22.76 25.02 -13.77
N LYS B 291 22.18 24.36 -14.77
CA LYS B 291 21.14 24.97 -15.63
C LYS B 291 19.85 25.30 -14.86
N PHE B 292 19.53 24.47 -13.86
CA PHE B 292 18.37 24.71 -12.98
C PHE B 292 18.59 25.90 -12.03
N VAL B 293 19.81 26.04 -11.51
CA VAL B 293 20.15 27.11 -10.57
C VAL B 293 20.19 28.49 -11.25
N THR B 294 20.82 28.57 -12.42
CA THR B 294 20.93 29.83 -13.17
C THR B 294 19.59 30.33 -13.71
N SER B 295 18.73 29.41 -14.12
CA SER B 295 17.35 29.74 -14.53
C SER B 295 16.53 30.25 -13.35
N ASN B 296 16.63 29.55 -12.21
CA ASN B 296 16.04 30.01 -10.95
C ASN B 296 16.88 31.13 -10.35
N PRO B 317 23.60 37.31 -7.60
CA PRO B 317 23.80 36.00 -8.21
C PRO B 317 24.42 34.96 -7.26
N GLU B 318 25.46 35.36 -6.52
CA GLU B 318 26.15 34.45 -5.59
C GLU B 318 25.34 34.11 -4.34
N PHE B 319 24.57 35.07 -3.83
CA PHE B 319 23.66 34.83 -2.70
C PHE B 319 22.45 33.95 -3.08
N VAL B 320 22.06 33.98 -4.36
CA VAL B 320 20.94 33.17 -4.86
C VAL B 320 21.31 31.68 -4.96
N ARG B 321 22.56 31.41 -5.35
CA ARG B 321 23.07 30.02 -5.45
C ARG B 321 23.22 29.33 -4.09
N LYS B 322 23.69 30.07 -3.09
CA LYS B 322 23.85 29.54 -1.73
C LYS B 322 22.52 29.31 -1.00
N HIS B 323 21.45 29.99 -1.44
CA HIS B 323 20.09 29.76 -0.94
C HIS B 323 19.52 28.42 -1.42
N ILE B 324 19.71 28.12 -2.71
CA ILE B 324 19.11 26.93 -3.35
C ILE B 324 19.75 25.62 -2.85
N PHE B 325 21.07 25.58 -2.76
CA PHE B 325 21.80 24.38 -2.31
C PHE B 325 21.56 24.04 -0.83
N ASN B 326 21.59 25.06 0.03
CA ASN B 326 21.49 24.86 1.49
C ASN B 326 20.05 24.65 1.95
N LYS B 327 19.15 25.55 1.58
CA LYS B 327 17.76 25.52 2.04
C LYS B 327 16.93 24.50 1.27
N HIS B 328 16.89 24.64 -0.06
CA HIS B 328 16.10 23.77 -0.93
C HIS B 328 16.92 22.53 -1.37
N ALA B 329 17.27 21.69 -0.41
CA ALA B 329 18.09 20.50 -0.65
C ALA B 329 17.32 19.36 -1.35
N GLU B 330 15.99 19.39 -1.24
CA GLU B 330 15.13 18.38 -1.87
C GLU B 330 15.06 18.51 -3.40
N LYS B 331 15.12 19.74 -3.90
CA LYS B 331 15.02 20.00 -5.35
C LYS B 331 16.24 19.56 -6.16
N ILE B 332 17.45 19.79 -5.63
CA ILE B 332 18.69 19.42 -6.33
C ILE B 332 18.83 17.91 -6.61
N GLU B 333 18.31 17.08 -5.70
CA GLU B 333 18.28 15.62 -5.90
C GLU B 333 17.16 15.20 -6.84
N GLU B 334 16.02 15.89 -6.77
CA GLU B 334 14.87 15.63 -7.67
C GLU B 334 15.22 15.85 -9.15
N VAL B 335 16.06 16.84 -9.42
CA VAL B 335 16.58 17.08 -10.78
C VAL B 335 17.53 15.95 -11.19
N LYS B 336 18.45 15.59 -10.29
CA LYS B 336 19.38 14.46 -10.52
C LYS B 336 18.66 13.13 -10.75
N LYS B 337 17.55 12.92 -10.04
CA LYS B 337 16.72 11.72 -10.21
C LYS B 337 16.04 11.69 -11.58
N GLU B 338 15.47 12.82 -12.00
CA GLU B 338 14.84 12.93 -13.33
C GLU B 338 15.85 12.93 -14.49
N VAL B 339 17.10 13.29 -14.21
CA VAL B 339 18.21 13.12 -15.16
C VAL B 339 18.53 11.62 -15.32
N ALA B 340 18.66 10.92 -14.19
CA ALA B 340 18.91 9.47 -14.18
C ALA B 340 17.73 8.69 -14.78
N PHE B 341 16.51 9.15 -14.50
CA PHE B 341 15.28 8.63 -15.12
C PHE B 341 15.35 8.70 -16.65
N PHE B 342 15.85 9.82 -17.17
CA PHE B 342 16.06 10.00 -18.61
C PHE B 342 17.27 9.21 -19.12
N ASN B 343 18.36 9.21 -18.37
CA ASN B 343 19.61 8.52 -18.78
C ASN B 343 19.48 7.00 -18.80
N ASN B 344 18.76 6.43 -17.84
CA ASN B 344 18.47 4.98 -17.84
C ASN B 344 17.65 4.56 -19.06
N PHE B 345 16.71 5.42 -19.46
CA PHE B 345 15.94 5.23 -20.69
C PHE B 345 16.82 5.42 -21.95
N LEU B 346 17.70 6.42 -21.93
CA LEU B 346 18.66 6.65 -23.03
C LEU B 346 19.67 5.53 -23.19
N THR B 347 20.35 5.19 -22.09
CA THR B 347 21.42 4.18 -22.08
C THR B 347 20.92 2.82 -22.57
N ASP B 348 19.73 2.44 -22.12
CA ASP B 348 19.07 1.20 -22.55
C ASP B 348 18.94 1.15 -24.07
N ALA B 349 19.57 0.15 -24.69
CA ALA B 349 19.56 -0.02 -26.16
C ALA B 349 18.51 -1.04 -26.61
N LYS B 350 17.36 -1.04 -25.95
CA LYS B 350 16.24 -1.91 -26.30
C LYS B 350 14.96 -1.23 -25.78
N ARG B 351 14.80 0.04 -26.15
CA ARG B 351 13.75 0.91 -25.60
C ARG B 351 12.35 0.49 -26.04
N PRO B 352 11.31 0.86 -25.26
CA PRO B 352 9.96 0.78 -25.78
C PRO B 352 9.71 1.90 -26.80
N ALA B 353 9.22 1.53 -27.98
CA ALA B 353 8.92 2.48 -29.06
C ALA B 353 7.92 1.89 -30.05
N LEU B 354 7.29 2.75 -30.84
CA LEU B 354 6.22 2.35 -31.75
C LEU B 354 6.81 1.59 -32.96
N PRO B 355 6.18 0.46 -33.37
CA PRO B 355 6.80 -0.39 -34.39
C PRO B 355 6.62 0.17 -35.80
N LYS C 6 14.24 18.79 40.64
CA LYS C 6 13.12 18.78 39.65
C LYS C 6 13.60 18.75 38.20
N LEU C 7 14.65 19.53 37.91
CA LEU C 7 15.28 19.55 36.59
C LEU C 7 15.87 18.18 36.23
N ASP C 8 16.61 17.59 37.18
CA ASP C 8 17.21 16.25 37.00
C ASP C 8 16.15 15.14 36.99
N PHE C 9 15.07 15.35 37.74
CA PHE C 9 13.95 14.38 37.79
C PHE C 9 13.24 14.24 36.45
N ARG C 10 12.96 15.37 35.79
CA ARG C 10 12.31 15.36 34.46
C ARG C 10 13.22 14.81 33.35
N ARG C 11 14.54 14.90 33.51
CA ARG C 11 15.49 14.27 32.59
C ARG C 11 15.41 12.74 32.67
N GLN C 12 15.32 12.20 33.89
CA GLN C 12 15.21 10.76 34.09
C GLN C 12 13.93 10.19 33.48
N GLN C 13 12.79 10.78 33.86
CA GLN C 13 11.47 10.35 33.36
C GLN C 13 11.36 10.38 31.84
N MET C 14 11.85 11.47 31.25
CA MET C 14 11.86 11.65 29.80
C MET C 14 12.71 10.58 29.12
N GLN C 15 13.96 10.45 29.57
CA GLN C 15 14.90 9.48 28.98
C GLN C 15 14.53 8.02 29.24
N ASP C 16 13.94 7.74 30.40
CA ASP C 16 13.37 6.41 30.71
C ASP C 16 12.23 6.06 29.75
N PHE C 17 11.37 7.05 29.48
CA PHE C 17 10.22 6.84 28.59
C PHE C 17 10.62 6.68 27.13
N PHE C 18 11.63 7.42 26.68
CA PHE C 18 12.18 7.28 25.33
C PHE C 18 12.80 5.90 25.12
N LEU C 19 13.46 5.37 26.14
CA LEU C 19 13.97 4.00 26.14
C LEU C 19 12.83 2.97 26.18
N ALA C 20 11.88 3.18 27.09
CA ALA C 20 10.78 2.24 27.32
C ALA C 20 9.78 2.15 26.15
N HIS C 21 9.64 3.23 25.38
CA HIS C 21 8.70 3.28 24.26
C HIS C 21 9.38 3.69 22.94
N LYS C 22 10.60 3.21 22.73
CA LYS C 22 11.38 3.58 21.54
C LYS C 22 10.83 2.93 20.28
N ASP C 23 10.66 1.62 20.33
CA ASP C 23 10.33 0.80 19.17
C ASP C 23 8.82 0.56 18.98
N GLU C 24 7.98 1.17 19.83
CA GLU C 24 6.54 0.98 19.77
C GLU C 24 5.94 1.87 18.67
N GLU C 25 4.86 1.38 18.04
CA GLU C 25 4.31 1.99 16.83
C GLU C 25 3.78 3.40 17.05
N TRP C 26 2.93 3.55 18.07
CA TRP C 26 2.27 4.83 18.37
C TRP C 26 3.26 5.96 18.66
N PHE C 27 4.35 5.63 19.35
CA PHE C 27 5.37 6.61 19.73
C PHE C 27 6.23 6.99 18.53
N ARG C 28 6.63 5.98 17.75
CA ARG C 28 7.33 6.19 16.47
C ARG C 28 6.53 7.11 15.55
N SER C 29 5.23 6.86 15.46
CA SER C 29 4.31 7.61 14.59
C SER C 29 4.22 9.10 14.93
N LYS C 30 4.33 9.46 16.21
CA LYS C 30 4.25 10.85 16.66
C LYS C 30 5.53 11.66 16.42
N TYR C 31 6.70 11.03 16.62
CA TYR C 31 7.98 11.75 16.66
C TYR C 31 9.03 11.35 15.61
N HIS C 32 9.06 10.09 15.18
CA HIS C 32 10.11 9.61 14.26
C HIS C 32 9.90 10.16 12.83
N PRO C 33 10.89 10.92 12.29
CA PRO C 33 10.76 11.61 10.99
C PRO C 33 10.14 10.81 9.84
N ASP C 34 10.60 9.57 9.65
CA ASP C 34 10.09 8.70 8.58
C ASP C 34 8.61 8.37 8.76
N GLU C 35 8.22 8.00 9.98
CA GLU C 35 6.85 7.57 10.28
C GLU C 35 5.87 8.74 10.35
N VAL C 36 6.35 9.92 10.74
CA VAL C 36 5.54 11.14 10.77
C VAL C 36 5.20 11.61 9.34
N GLY C 37 6.19 11.56 8.45
CA GLY C 37 6.00 11.92 7.05
C GLY C 37 5.04 11.00 6.32
N LYS C 38 5.22 9.69 6.51
CA LYS C 38 4.34 8.67 5.91
C LYS C 38 2.94 8.63 6.52
N ARG C 39 2.78 9.17 7.74
CA ARG C 39 1.47 9.36 8.35
C ARG C 39 0.68 10.48 7.68
N ARG C 40 1.32 11.64 7.49
CA ARG C 40 0.64 12.83 6.94
C ARG C 40 0.22 12.70 5.49
N GLN C 41 0.97 11.90 4.71
CA GLN C 41 0.60 11.56 3.33
C GLN C 41 -0.69 10.75 3.29
N GLU C 42 -0.79 9.75 4.18
CA GLU C 42 -2.02 8.96 4.35
C GLU C 42 -3.18 9.82 4.83
N ALA C 43 -2.90 10.72 5.77
CA ALA C 43 -3.92 11.61 6.35
C ALA C 43 -4.52 12.54 5.30
N ARG C 44 -3.65 13.27 4.60
CA ARG C 44 -4.09 14.20 3.54
C ARG C 44 -4.69 13.47 2.34
N GLY C 45 -4.20 12.27 2.05
CA GLY C 45 -4.78 11.40 1.02
C GLY C 45 -6.19 10.96 1.37
N ALA C 46 -6.39 10.56 2.63
CA ALA C 46 -7.72 10.16 3.12
C ALA C 46 -8.65 11.36 3.35
N LEU C 47 -8.07 12.52 3.68
CA LEU C 47 -8.84 13.76 3.87
C LEU C 47 -9.35 14.32 2.55
N GLN C 48 -8.50 14.28 1.52
CA GLN C 48 -8.91 14.65 0.15
C GLN C 48 -10.04 13.76 -0.39
N ASN C 49 -10.06 12.49 0.01
CA ASN C 49 -11.17 11.59 -0.32
C ASN C 49 -12.48 12.06 0.34
N ARG C 50 -12.39 12.50 1.58
CA ARG C 50 -13.56 13.07 2.28
C ARG C 50 -14.00 14.43 1.70
N LEU C 51 -13.06 15.21 1.17
CA LEU C 51 -13.38 16.46 0.49
C LEU C 51 -14.16 16.21 -0.80
N ARG C 52 -13.69 15.26 -1.61
CA ARG C 52 -14.39 14.83 -2.82
C ARG C 52 -15.84 14.42 -2.54
N VAL C 53 -16.05 13.73 -1.44
CA VAL C 53 -17.38 13.27 -1.03
C VAL C 53 -18.28 14.47 -0.69
N PHE C 54 -17.75 15.46 0.02
CA PHE C 54 -18.51 16.67 0.34
C PHE C 54 -18.90 17.45 -0.92
N LEU C 55 -17.96 17.58 -1.86
CA LEU C 55 -18.21 18.24 -3.14
C LEU C 55 -19.16 17.43 -4.03
N SER C 56 -19.12 16.11 -3.90
CA SER C 56 -20.07 15.23 -4.59
C SER C 56 -21.49 15.40 -4.03
N LEU C 57 -21.63 15.42 -2.71
CA LEU C 57 -22.92 15.63 -2.06
C LEU C 57 -23.51 17.03 -2.28
N MET C 58 -22.66 18.02 -2.55
CA MET C 58 -23.11 19.40 -2.84
C MET C 58 -23.84 19.46 -4.18
N GLU C 59 -23.13 19.15 -5.27
CA GLU C 59 -23.69 19.24 -6.63
C GLU C 59 -24.84 18.24 -6.89
N THR C 60 -24.77 17.07 -6.28
CA THR C 60 -25.87 16.10 -6.32
C THR C 60 -27.10 16.59 -5.56
N GLY C 61 -26.87 17.35 -4.49
CA GLY C 61 -27.95 17.97 -3.72
C GLY C 61 -28.48 17.03 -2.65
N TRP C 62 -27.58 16.42 -1.90
CA TRP C 62 -27.93 15.56 -0.77
C TRP C 62 -28.27 16.37 0.48
N PHE C 63 -27.74 17.60 0.55
CA PHE C 63 -28.17 18.58 1.55
C PHE C 63 -28.56 19.89 0.83
N ASP C 64 -29.53 19.76 -0.07
CA ASP C 64 -30.07 20.88 -0.83
C ASP C 64 -31.16 21.56 -0.01
N ASN C 65 -32.13 20.76 0.45
CA ASN C 65 -33.13 21.18 1.44
C ASN C 65 -32.93 20.32 2.68
N LEU C 66 -31.88 20.63 3.43
CA LEU C 66 -31.52 19.88 4.64
C LEU C 66 -30.90 20.82 5.66
N LEU C 67 -31.66 21.13 6.70
CA LEU C 67 -31.18 21.91 7.84
C LEU C 67 -30.87 20.97 9.01
N LEU C 68 -29.85 21.32 9.79
CA LEU C 68 -29.45 20.52 10.94
C LEU C 68 -30.42 20.74 12.09
N ASP C 69 -31.58 20.07 11.99
CA ASP C 69 -32.66 20.18 12.97
C ASP C 69 -33.33 18.81 13.13
N ILE C 70 -33.81 18.54 14.34
CA ILE C 70 -34.39 17.22 14.68
C ILE C 70 -35.66 16.85 13.91
N ASP C 71 -36.35 17.84 13.34
CA ASP C 71 -37.45 17.60 12.39
C ASP C 71 -36.99 16.78 11.18
N LYS C 72 -35.78 17.08 10.70
CA LYS C 72 -35.15 16.33 9.61
C LYS C 72 -34.02 15.43 10.14
N ALA C 73 -34.26 14.73 11.25
CA ALA C 73 -33.28 13.83 11.85
C ALA C 73 -33.06 12.58 10.99
N ASP C 74 -34.16 12.05 10.45
CA ASP C 74 -34.11 10.87 9.57
C ASP C 74 -33.48 11.20 8.22
N ALA C 75 -33.68 12.43 7.74
CA ALA C 75 -33.05 12.89 6.49
C ALA C 75 -31.53 13.04 6.62
N ILE C 76 -31.06 13.46 7.80
CA ILE C 76 -29.61 13.57 8.08
C ILE C 76 -28.95 12.20 8.09
N VAL C 77 -29.58 11.23 8.75
CA VAL C 77 -29.06 9.85 8.80
C VAL C 77 -28.99 9.25 7.39
N LYS C 78 -30.00 9.52 6.57
CA LYS C 78 -30.01 9.09 5.15
C LYS C 78 -28.87 9.73 4.36
N MET C 79 -28.56 10.99 4.65
CA MET C 79 -27.42 11.70 4.06
C MET C 79 -26.08 11.16 4.57
N LEU C 80 -25.98 10.93 5.88
CA LEU C 80 -24.74 10.40 6.48
C LEU C 80 -24.38 9.02 5.93
N ASP C 81 -25.40 8.20 5.68
CA ASP C 81 -25.20 6.91 4.99
C ASP C 81 -24.66 7.12 3.58
N ALA C 82 -25.25 8.06 2.84
CA ALA C 82 -24.78 8.40 1.49
C ALA C 82 -23.35 8.97 1.48
N ALA C 83 -22.96 9.62 2.57
CA ALA C 83 -21.58 10.10 2.74
C ALA C 83 -20.59 8.94 2.88
N VAL C 84 -20.91 7.98 3.73
CA VAL C 84 -20.06 6.80 3.96
C VAL C 84 -19.97 5.92 2.70
N ILE C 85 -21.09 5.77 1.99
CA ILE C 85 -21.11 5.03 0.72
C ILE C 85 -20.16 5.64 -0.32
N LYS C 86 -20.15 6.97 -0.39
CA LYS C 86 -19.24 7.69 -1.29
C LYS C 86 -17.77 7.65 -0.81
N MET C 87 -17.56 7.60 0.51
CA MET C 87 -16.23 7.38 1.08
C MET C 87 -15.67 6.00 0.72
N GLU C 88 -16.51 4.98 0.81
CA GLU C 88 -16.15 3.62 0.39
C GLU C 88 -15.99 3.54 -1.13
N GLY C 89 -16.70 4.41 -1.85
CA GLY C 89 -16.53 4.61 -3.30
C GLY C 89 -17.65 4.09 -4.17
N GLY C 90 -18.86 3.98 -3.61
CA GLY C 90 -20.01 3.47 -4.34
C GLY C 90 -20.59 4.49 -5.31
N THR C 91 -21.12 4.01 -6.43
CA THR C 91 -21.75 4.87 -7.44
C THR C 91 -23.21 5.18 -7.06
N GLU C 92 -23.88 5.99 -7.89
CA GLU C 92 -25.31 6.31 -7.70
C GLU C 92 -26.20 5.07 -7.61
N ASN C 93 -25.83 4.01 -8.32
CA ASN C 93 -26.51 2.71 -8.20
C ASN C 93 -26.47 2.18 -6.77
N ASP C 94 -25.30 2.23 -6.14
CA ASP C 94 -25.11 1.72 -4.77
C ASP C 94 -25.90 2.50 -3.71
N LEU C 95 -26.18 3.77 -3.99
CA LEU C 95 -27.03 4.59 -3.11
C LEU C 95 -28.52 4.19 -3.09
N ARG C 96 -28.97 3.49 -4.14
CA ARG C 96 -30.39 3.14 -4.32
C ARG C 96 -31.05 2.36 -3.18
N ILE C 97 -30.27 1.64 -2.38
CA ILE C 97 -30.82 0.91 -1.21
C ILE C 97 -31.45 1.81 -0.14
N LEU C 98 -31.01 3.07 -0.07
CA LEU C 98 -31.63 4.06 0.83
C LEU C 98 -33.02 4.49 0.36
N GLU C 99 -33.31 4.33 -0.93
CA GLU C 99 -34.64 4.61 -1.51
C GLU C 99 -35.53 3.37 -1.41
N CYS D 4 -27.31 -4.22 -12.26
CA CYS D 4 -26.32 -4.52 -11.23
C CYS D 4 -26.89 -4.23 -9.84
N LYS D 5 -26.69 -5.15 -8.90
CA LYS D 5 -27.28 -5.04 -7.57
C LYS D 5 -26.53 -3.99 -6.74
N PRO D 6 -27.26 -3.17 -5.95
CA PRO D 6 -26.60 -2.16 -5.11
C PRO D 6 -26.09 -2.72 -3.77
N ARG D 7 -24.92 -2.24 -3.35
CA ARG D 7 -24.24 -2.76 -2.15
C ARG D 7 -24.61 -1.96 -0.88
N PRO D 8 -24.65 -2.63 0.29
CA PRO D 8 -24.91 -1.94 1.56
C PRO D 8 -23.61 -1.43 2.22
N LEU D 9 -22.98 -0.45 1.57
CA LEU D 9 -21.65 0.02 1.97
C LEU D 9 -21.65 0.86 3.25
N HIS D 10 -22.78 1.49 3.57
CA HIS D 10 -22.91 2.27 4.82
C HIS D 10 -22.92 1.40 6.09
N LYS D 11 -23.41 0.16 5.98
CA LYS D 11 -23.44 -0.78 7.10
C LYS D 11 -22.15 -1.60 7.18
N THR D 12 -21.58 -1.69 8.38
CA THR D 12 -20.35 -2.45 8.64
C THR D 12 -20.39 -3.05 10.04
N CYS D 13 -20.36 -4.38 10.13
CA CYS D 13 -20.25 -5.10 11.42
C CYS D 13 -18.77 -5.30 11.77
N SER D 14 -18.47 -5.25 13.07
CA SER D 14 -17.07 -5.14 13.54
C SER D 14 -16.83 -5.77 14.91
N LEU D 15 -15.56 -5.98 15.22
CA LEU D 15 -15.11 -6.45 16.53
C LEU D 15 -14.55 -5.29 17.34
N PHE D 16 -14.51 -5.48 18.66
CA PHE D 16 -13.96 -4.50 19.60
C PHE D 16 -13.08 -5.19 20.62
N MET D 17 -11.89 -4.65 20.86
CA MET D 17 -10.93 -5.21 21.82
C MET D 17 -10.67 -4.18 22.92
N ARG D 18 -10.76 -4.62 24.18
CA ARG D 18 -10.73 -3.71 25.32
C ARG D 18 -9.31 -3.22 25.62
N ASN D 19 -8.37 -4.17 25.72
CA ASN D 19 -6.97 -3.88 26.06
C ASN D 19 -6.02 -4.50 25.03
N ILE D 20 -5.31 -3.65 24.29
CA ILE D 20 -4.24 -4.06 23.38
C ILE D 20 -2.95 -3.37 23.82
N ALA D 21 -1.86 -4.12 23.81
CA ALA D 21 -0.55 -3.62 24.27
C ALA D 21 0.02 -2.58 23.29
N PRO D 22 0.86 -1.66 23.81
CA PRO D 22 1.48 -0.62 22.95
C PRO D 22 2.55 -1.15 21.99
N ASN D 23 3.30 -2.17 22.41
CA ASN D 23 4.29 -2.84 21.55
C ASN D 23 3.69 -3.56 20.32
N ILE D 24 2.41 -3.91 20.40
CA ILE D 24 1.70 -4.52 19.26
C ILE D 24 1.33 -3.43 18.26
N SER D 25 1.79 -3.60 17.01
CA SER D 25 1.46 -2.71 15.90
C SER D 25 0.23 -3.19 15.14
N ARG D 26 -0.21 -2.39 14.18
CA ARG D 26 -1.33 -2.73 13.31
C ARG D 26 -1.01 -3.93 12.42
N ALA D 27 0.24 -4.00 11.96
CA ALA D 27 0.72 -5.06 11.06
C ALA D 27 0.24 -6.45 11.45
N GLU D 28 0.58 -6.88 12.67
CA GLU D 28 0.21 -8.22 13.15
C GLU D 28 -1.29 -8.39 13.43
N ILE D 29 -1.97 -7.32 13.84
CA ILE D 29 -3.43 -7.37 14.05
C ILE D 29 -4.16 -7.46 12.71
N ILE D 30 -3.66 -6.76 11.69
CA ILE D 30 -4.23 -6.84 10.35
C ILE D 30 -4.03 -8.24 9.79
N SER D 31 -2.79 -8.72 9.79
CA SER D 31 -2.47 -10.06 9.24
C SER D 31 -3.09 -11.22 10.00
N LEU D 32 -3.39 -11.02 11.29
CA LEU D 32 -4.18 -11.97 12.07
C LEU D 32 -5.60 -12.08 11.50
N CYS D 33 -6.26 -10.93 11.38
CA CYS D 33 -7.65 -10.84 10.93
C CYS D 33 -7.82 -10.80 9.39
N LYS D 34 -6.72 -10.69 8.66
CA LYS D 34 -6.76 -10.63 7.18
C LYS D 34 -7.35 -11.90 6.57
N ARG D 35 -6.93 -13.06 7.14
CA ARG D 35 -7.48 -14.42 6.95
C ARG D 35 -8.94 -14.59 6.51
N TYR D 36 -9.81 -13.90 7.24
CA TYR D 36 -11.25 -14.07 7.10
C TYR D 36 -11.70 -13.23 5.90
N PRO D 37 -12.48 -13.82 4.98
CA PRO D 37 -12.94 -13.05 3.83
C PRO D 37 -13.94 -11.97 4.26
N GLY D 38 -13.89 -10.82 3.58
CA GLY D 38 -14.71 -9.66 3.95
C GLY D 38 -14.11 -8.78 5.04
N PHE D 39 -12.82 -8.96 5.32
CA PHE D 39 -12.07 -8.05 6.19
C PHE D 39 -11.80 -6.75 5.45
N MET D 40 -11.84 -5.63 6.19
CA MET D 40 -11.69 -4.29 5.63
C MET D 40 -10.52 -3.52 6.22
N ARG D 41 -10.57 -3.25 7.53
CA ARG D 41 -9.59 -2.37 8.17
C ARG D 41 -9.60 -2.46 9.70
N VAL D 42 -8.41 -2.29 10.28
CA VAL D 42 -8.21 -2.24 11.72
C VAL D 42 -8.04 -0.79 12.15
N ALA D 43 -8.58 -0.46 13.33
CA ALA D 43 -8.46 0.88 13.90
C ALA D 43 -8.10 0.79 15.38
N LEU D 44 -7.05 1.50 15.77
CA LEU D 44 -6.59 1.56 17.16
C LEU D 44 -6.80 2.97 17.70
N SER D 45 -7.19 3.07 18.98
CA SER D 45 -7.35 4.35 19.65
C SER D 45 -6.00 4.90 20.11
N GLU D 46 -6.01 6.14 20.57
CA GLU D 46 -4.82 6.77 21.15
C GLU D 46 -4.58 6.10 22.51
N PRO D 47 -3.33 5.67 22.79
CA PRO D 47 -3.08 5.01 24.08
C PRO D 47 -3.19 5.96 25.26
N GLN D 48 -3.57 5.42 26.41
CA GLN D 48 -3.90 6.20 27.61
C GLN D 48 -2.94 5.86 28.75
N PRO D 49 -2.28 6.88 29.36
CA PRO D 49 -1.25 6.64 30.38
C PRO D 49 -1.75 5.98 31.67
N GLU D 50 -3.03 6.17 31.99
CA GLU D 50 -3.66 5.56 33.16
C GLU D 50 -3.69 4.02 33.14
N ARG D 51 -3.73 3.43 31.94
CA ARG D 51 -3.62 1.97 31.76
C ARG D 51 -2.26 1.56 31.16
N ARG D 52 -1.20 2.32 31.48
CA ARG D 52 0.14 2.11 30.92
C ARG D 52 0.16 2.03 29.39
N PHE D 53 -0.53 2.98 28.77
CA PHE D 53 -0.54 3.16 27.30
C PHE D 53 -1.06 1.92 26.56
N PHE D 54 -2.28 1.52 26.89
CA PHE D 54 -2.96 0.42 26.21
C PHE D 54 -4.04 0.97 25.28
N ARG D 55 -4.18 0.34 24.11
CA ARG D 55 -5.00 0.85 23.02
C ARG D 55 -6.32 0.07 22.91
N ARG D 56 -7.38 0.75 22.51
CA ARG D 56 -8.68 0.10 22.25
C ARG D 56 -8.81 -0.14 20.75
N GLY D 57 -8.91 -1.41 20.36
CA GLY D 57 -8.94 -1.80 18.94
C GLY D 57 -10.34 -1.90 18.35
N TRP D 58 -10.39 -1.86 17.02
CA TRP D 58 -11.65 -2.00 16.26
C TRP D 58 -11.38 -2.63 14.89
N VAL D 59 -11.68 -3.92 14.76
CA VAL D 59 -11.50 -4.64 13.50
C VAL D 59 -12.82 -4.63 12.73
N THR D 60 -12.84 -3.96 11.57
CA THR D 60 -14.05 -3.75 10.79
C THR D 60 -14.18 -4.78 9.67
N PHE D 61 -15.38 -5.32 9.50
CA PHE D 61 -15.67 -6.34 8.47
C PHE D 61 -16.85 -5.92 7.61
N ASP D 62 -17.00 -6.61 6.48
CA ASP D 62 -18.09 -6.38 5.54
C ASP D 62 -19.41 -6.88 6.14
N ARG D 63 -20.54 -6.37 5.62
CA ARG D 63 -21.88 -6.79 6.08
C ARG D 63 -22.22 -8.25 5.75
N SER D 64 -21.68 -8.76 4.65
CA SER D 64 -21.92 -10.16 4.23
C SER D 64 -21.00 -11.16 4.96
N VAL D 65 -20.89 -11.00 6.28
CA VAL D 65 -20.00 -11.80 7.12
C VAL D 65 -20.71 -12.06 8.46
N ASN D 66 -20.51 -13.26 9.01
CA ASN D 66 -21.04 -13.63 10.31
C ASN D 66 -20.00 -13.25 11.37
N ILE D 67 -20.21 -12.10 12.00
CA ILE D 67 -19.27 -11.55 12.98
C ILE D 67 -19.23 -12.36 14.29
N LYS D 68 -20.34 -13.03 14.62
CA LYS D 68 -20.44 -13.83 15.85
C LYS D 68 -19.49 -15.04 15.83
N GLU D 69 -19.37 -15.69 14.67
CA GLU D 69 -18.42 -16.78 14.47
C GLU D 69 -16.98 -16.31 14.56
N ILE D 70 -16.69 -15.19 13.87
CA ILE D 70 -15.34 -14.61 13.83
C ILE D 70 -14.92 -14.05 15.18
N CYS D 71 -15.88 -13.54 15.96
CA CYS D 71 -15.62 -13.11 17.34
C CYS D 71 -15.31 -14.29 18.27
N TRP D 72 -16.02 -15.41 18.06
CA TRP D 72 -15.74 -16.65 18.79
C TRP D 72 -14.40 -17.26 18.39
N ASN D 73 -14.11 -17.27 17.09
CA ASN D 73 -12.86 -17.83 16.54
C ASN D 73 -11.61 -17.22 17.21
N LEU D 74 -11.62 -15.90 17.37
CA LEU D 74 -10.49 -15.17 17.98
C LEU D 74 -10.62 -14.96 19.50
N GLN D 75 -11.59 -15.64 20.13
CA GLN D 75 -11.97 -15.37 21.53
C GLN D 75 -10.84 -15.71 22.49
N ASN D 76 -10.27 -16.90 22.34
CA ASN D 76 -9.17 -17.37 23.16
C ASN D 76 -7.91 -17.45 22.30
N ILE D 77 -7.50 -16.30 21.76
CA ILE D 77 -6.27 -16.17 20.97
C ILE D 77 -5.47 -14.96 21.46
N ARG D 78 -4.23 -15.20 21.85
CA ARG D 78 -3.29 -14.16 22.28
C ARG D 78 -2.44 -13.69 21.10
N LEU D 79 -1.76 -12.57 21.32
CA LEU D 79 -0.90 -11.96 20.31
C LEU D 79 0.19 -11.15 21.00
N ARG D 80 1.41 -11.70 21.03
CA ARG D 80 2.57 -11.07 21.68
C ARG D 80 2.32 -10.81 23.18
N GLU D 81 1.99 -11.88 23.89
CA GLU D 81 1.71 -11.86 25.34
C GLU D 81 0.57 -10.90 25.70
N CYS D 82 -0.53 -11.00 24.95
CA CYS D 82 -1.70 -10.15 25.17
C CYS D 82 -2.95 -10.79 24.57
N GLU D 83 -3.89 -11.16 25.43
CA GLU D 83 -5.16 -11.74 24.99
C GLU D 83 -6.05 -10.64 24.43
N LEU D 84 -6.46 -10.80 23.17
CA LEU D 84 -7.32 -9.83 22.50
C LEU D 84 -8.74 -9.92 23.06
N SER D 85 -9.30 -11.12 23.03
CA SER D 85 -10.66 -11.40 23.51
C SER D 85 -11.69 -10.41 22.96
N PRO D 86 -11.98 -10.49 21.65
CA PRO D 86 -12.91 -9.53 21.05
C PRO D 86 -14.35 -9.66 21.52
N GLY D 87 -15.11 -8.58 21.31
CA GLY D 87 -16.56 -8.56 21.51
C GLY D 87 -17.22 -7.88 20.33
N VAL D 88 -18.40 -8.37 19.94
CA VAL D 88 -19.10 -7.86 18.75
C VAL D 88 -19.61 -6.44 19.03
N ASN D 89 -19.00 -5.47 18.35
CA ASN D 89 -19.36 -4.06 18.49
C ASN D 89 -20.65 -3.78 17.73
N ARG D 90 -21.73 -3.54 18.48
CA ARG D 90 -23.05 -3.26 17.87
C ARG D 90 -23.08 -1.87 17.25
N ASP D 91 -24.03 -1.67 16.34
CA ASP D 91 -24.15 -0.42 15.59
C ASP D 91 -24.67 0.72 16.47
N LEU D 92 -24.49 1.94 15.99
CA LEU D 92 -24.89 3.13 16.74
C LEU D 92 -26.40 3.33 16.63
N THR D 93 -27.06 3.45 17.78
CA THR D 93 -28.51 3.59 17.84
C THR D 93 -28.91 5.05 17.68
N ARG D 94 -28.42 5.89 18.60
CA ARG D 94 -28.77 7.31 18.64
C ARG D 94 -27.68 8.14 17.96
N ARG D 95 -27.86 8.40 16.67
CA ARG D 95 -26.90 9.19 15.89
C ARG D 95 -27.16 10.69 16.02
N VAL D 96 -28.32 11.14 15.54
CA VAL D 96 -28.67 12.57 15.56
C VAL D 96 -29.07 12.97 16.98
N ARG D 97 -28.13 13.60 17.70
CA ARG D 97 -28.36 14.05 19.08
C ARG D 97 -28.68 15.54 19.15
N ASN D 98 -29.36 15.92 20.23
CA ASN D 98 -29.80 17.31 20.44
C ASN D 98 -28.78 18.11 21.25
N ILE D 99 -28.91 19.44 21.16
CA ILE D 99 -28.28 20.38 22.07
C ILE D 99 -29.35 21.41 22.48
N ASN D 100 -28.96 22.40 23.28
CA ASN D 100 -29.89 23.46 23.73
C ASN D 100 -30.56 24.15 22.53
N GLY D 101 -31.86 24.42 22.67
CA GLY D 101 -32.65 25.06 21.60
C GLY D 101 -32.38 26.54 21.35
N ILE D 102 -31.56 27.16 22.20
CA ILE D 102 -31.13 28.57 22.05
C ILE D 102 -30.34 28.79 20.74
N THR D 103 -29.63 27.76 20.27
CA THR D 103 -28.71 27.87 19.12
C THR D 103 -29.32 28.09 17.72
N GLN D 104 -30.65 28.24 17.63
CA GLN D 104 -31.34 28.57 16.36
C GLN D 104 -31.87 30.02 16.33
N HIS D 105 -31.09 30.92 16.92
CA HIS D 105 -31.45 32.33 17.10
C HIS D 105 -30.63 33.20 16.13
N LYS D 106 -31.17 34.36 15.77
CA LYS D 106 -30.52 35.27 14.80
C LYS D 106 -29.08 35.63 15.15
N GLN D 107 -28.90 36.16 16.36
CA GLN D 107 -27.59 36.65 16.83
C GLN D 107 -26.57 35.54 17.09
N ILE D 108 -27.04 34.40 17.59
CA ILE D 108 -26.16 33.29 17.97
C ILE D 108 -25.75 32.42 16.78
N VAL D 109 -26.60 32.35 15.75
CA VAL D 109 -26.25 31.72 14.47
C VAL D 109 -25.17 32.54 13.76
N ARG D 110 -25.33 33.87 13.77
CA ARG D 110 -24.32 34.81 13.25
C ARG D 110 -22.97 34.62 13.95
N ASN D 111 -23.01 34.43 15.27
CA ASN D 111 -21.81 34.11 16.07
C ASN D 111 -21.17 32.79 15.61
N ASP D 112 -22.02 31.76 15.45
CA ASP D 112 -21.55 30.44 15.02
C ASP D 112 -21.02 30.41 13.57
N ILE D 113 -21.50 31.30 12.70
CA ILE D 113 -20.97 31.44 11.33
C ILE D 113 -19.55 32.03 11.35
N LYS D 114 -19.29 32.95 12.29
CA LYS D 114 -17.96 33.53 12.46
C LYS D 114 -16.95 32.49 12.95
N LEU D 115 -17.35 31.74 13.98
CA LEU D 115 -16.50 30.70 14.56
C LEU D 115 -16.27 29.53 13.60
N ALA D 116 -17.33 29.10 12.90
CA ALA D 116 -17.22 28.05 11.88
C ALA D 116 -16.30 28.46 10.73
N ALA D 117 -16.41 29.71 10.29
CA ALA D 117 -15.54 30.25 9.26
C ALA D 117 -14.07 30.30 9.71
N LYS D 118 -13.84 30.65 10.97
CA LYS D 118 -12.50 30.65 11.57
C LYS D 118 -11.91 29.23 11.62
N LEU D 119 -12.71 28.25 12.05
CA LEU D 119 -12.30 26.85 12.10
C LEU D 119 -11.88 26.33 10.73
N ILE D 120 -12.69 26.63 9.70
CA ILE D 120 -12.43 26.12 8.34
C ILE D 120 -11.17 26.76 7.74
N HIS D 121 -10.98 28.06 7.95
CA HIS D 121 -9.73 28.74 7.56
C HIS D 121 -8.50 28.08 8.20
N THR D 122 -8.59 27.79 9.49
CA THR D 122 -7.50 27.17 10.24
C THR D 122 -7.23 25.73 9.78
N LEU D 123 -8.30 24.93 9.71
CA LEU D 123 -8.19 23.52 9.33
C LEU D 123 -7.74 23.32 7.88
N ASP D 124 -8.15 24.22 6.98
CA ASP D 124 -7.68 24.18 5.58
C ASP D 124 -6.18 24.52 5.47
N ASP D 125 -5.70 25.44 6.30
CA ASP D 125 -4.26 25.76 6.37
C ASP D 125 -3.46 24.61 6.99
N ARG D 126 -3.93 24.15 8.15
CA ARG D 126 -3.30 23.07 8.92
C ARG D 126 -3.12 21.79 8.08
N THR D 127 -4.20 21.35 7.45
CA THR D 127 -4.19 20.15 6.60
C THR D 127 -3.59 20.41 5.23
N GLN D 128 -3.75 21.64 4.75
CA GLN D 128 -3.22 22.10 3.45
C GLN D 128 -3.95 21.45 2.28
N LEU D 129 -5.28 21.61 2.28
CA LEU D 129 -6.11 21.33 1.10
C LEU D 129 -6.13 22.58 0.22
N TRP D 130 -6.63 22.41 -1.01
CA TRP D 130 -6.74 23.49 -2.00
C TRP D 130 -5.37 24.04 -2.44
N GLN D 146 -9.10 28.20 -3.66
CA GLN D 146 -9.64 28.41 -2.31
C GLN D 146 -10.99 27.72 -2.11
N ASN D 147 -11.44 27.71 -0.86
CA ASN D 147 -12.67 27.01 -0.45
C ASN D 147 -13.92 27.74 -0.99
N PRO D 148 -14.76 27.07 -1.81
CA PRO D 148 -15.95 27.74 -2.37
C PRO D 148 -17.05 28.07 -1.35
N ILE D 149 -17.20 27.28 -0.29
CA ILE D 149 -18.15 27.61 0.79
C ILE D 149 -17.74 28.83 1.62
N LEU D 150 -16.46 29.24 1.57
CA LEU D 150 -16.01 30.50 2.16
C LEU D 150 -15.83 31.57 1.07
N LYS D 151 -16.94 31.92 0.42
CA LYS D 151 -17.00 33.04 -0.53
C LYS D 151 -18.15 33.96 -0.14
N ASN D 152 -17.80 35.22 0.15
CA ASN D 152 -18.76 36.23 0.62
C ASN D 152 -19.45 35.83 1.93
N ILE D 153 -18.71 35.19 2.84
CA ILE D 153 -19.20 34.91 4.20
C ILE D 153 -19.25 36.21 5.01
N THR D 154 -18.31 37.12 4.73
CA THR D 154 -18.28 38.45 5.35
C THR D 154 -19.57 39.26 5.17
N ASP D 155 -20.30 39.01 4.07
CA ASP D 155 -21.62 39.61 3.84
C ASP D 155 -22.64 39.20 4.92
N TYR D 156 -22.57 37.93 5.34
CA TYR D 156 -23.50 37.39 6.33
C TYR D 156 -23.09 37.67 7.79
N LEU D 157 -21.81 37.96 8.03
CA LEU D 157 -21.32 38.31 9.36
C LEU D 157 -21.73 39.69 9.84
N ILE D 158 -21.79 40.66 8.91
CA ILE D 158 -22.15 42.05 9.25
C ILE D 158 -23.63 42.20 9.58
N GLU D 159 -23.92 43.07 10.56
CA GLU D 159 -25.29 43.46 10.87
C GLU D 159 -25.74 44.46 9.80
N GLU D 160 -27.04 44.49 9.52
CA GLU D 160 -27.64 45.52 8.68
C GLU D 160 -28.92 46.02 9.36
N VAL D 161 -28.84 47.23 9.91
CA VAL D 161 -29.88 47.75 10.81
C VAL D 161 -30.25 49.19 10.50
N SER D 162 -31.47 49.58 10.89
CA SER D 162 -31.95 50.95 10.80
C SER D 162 -31.83 51.59 12.18
N ALA D 163 -30.63 52.09 12.48
CA ALA D 163 -30.36 52.78 13.75
C ALA D 163 -30.79 54.25 13.69
N GLU D 164 -30.49 54.90 12.57
CA GLU D 164 -30.85 56.32 12.36
C GLU D 164 -32.37 56.54 12.40
N GLU D 165 -33.13 55.64 11.79
CA GLU D 165 -34.60 55.72 11.78
C GLU D 165 -35.20 55.52 13.18
N GLU D 166 -34.51 54.76 14.04
CA GLU D 166 -34.88 54.63 15.45
C GLU D 166 -34.43 55.84 16.28
N GLU D 167 -33.24 56.37 15.98
CA GLU D 167 -32.68 57.51 16.71
C GLU D 167 -33.47 58.80 16.51
N LEU D 168 -33.86 59.08 15.26
CA LEU D 168 -34.62 60.29 14.93
C LEU D 168 -36.03 60.25 15.51
N LEU D 169 -36.73 59.14 15.32
CA LEU D 169 -38.13 58.99 15.77
C LEU D 169 -38.23 58.83 17.29
N GLY D 170 -37.43 57.92 17.85
CA GLY D 170 -37.45 57.63 19.28
C GLY D 170 -36.86 58.74 20.16
N GLU D 192 -35.71 33.83 17.77
CA GLU D 192 -36.39 33.84 16.49
C GLU D 192 -35.47 33.33 15.37
N ARG D 193 -36.09 32.66 14.39
CA ARG D 193 -35.36 32.04 13.27
C ARG D 193 -35.12 33.01 12.12
N ASP D 194 -33.98 32.86 11.45
CA ASP D 194 -33.69 33.52 10.18
C ASP D 194 -33.01 32.50 9.27
N GLU D 195 -33.82 31.81 8.46
CA GLU D 195 -33.35 30.68 7.63
C GLU D 195 -32.26 31.02 6.60
N LYS D 196 -32.19 32.28 6.18
CA LYS D 196 -31.13 32.73 5.27
C LYS D 196 -29.73 32.61 5.90
N LEU D 197 -29.63 32.88 7.19
CA LEU D 197 -28.37 32.68 7.95
C LEU D 197 -28.12 31.19 8.26
N ILE D 198 -29.18 30.45 8.58
CA ILE D 198 -29.07 29.02 8.92
C ILE D 198 -28.61 28.17 7.74
N LYS D 199 -29.14 28.44 6.55
CA LYS D 199 -28.71 27.73 5.32
C LYS D 199 -27.24 27.95 4.96
N VAL D 200 -26.68 29.10 5.35
CA VAL D 200 -25.24 29.36 5.22
C VAL D 200 -24.47 28.52 6.25
N LEU D 201 -24.91 28.60 7.51
CA LEU D 201 -24.27 27.87 8.61
C LEU D 201 -24.16 26.37 8.37
N ASP D 202 -25.25 25.78 7.87
CA ASP D 202 -25.30 24.33 7.63
C ASP D 202 -24.24 23.86 6.64
N LYS D 203 -24.06 24.58 5.55
CA LYS D 203 -22.99 24.26 4.59
C LYS D 203 -21.60 24.33 5.21
N LEU D 204 -21.39 25.25 6.15
CA LEU D 204 -20.13 25.33 6.92
C LEU D 204 -20.00 24.19 7.92
N LEU D 205 -21.06 23.92 8.68
CA LEU D 205 -21.04 22.87 9.70
C LEU D 205 -20.95 21.46 9.11
N LEU D 206 -21.64 21.22 8.00
CA LEU D 206 -21.54 19.95 7.30
C LEU D 206 -20.15 19.72 6.71
N TYR D 207 -19.52 20.78 6.20
CA TYR D 207 -18.13 20.71 5.73
C TYR D 207 -17.17 20.33 6.86
N LEU D 208 -17.31 21.01 8.01
CA LEU D 208 -16.51 20.69 9.21
C LEU D 208 -16.68 19.23 9.64
N ARG D 209 -17.91 18.73 9.58
CA ARG D 209 -18.22 17.38 10.04
C ARG D 209 -17.75 16.33 9.02
N ILE D 210 -18.18 16.46 7.77
CA ILE D 210 -17.87 15.45 6.74
C ILE D 210 -16.38 15.41 6.39
N VAL D 211 -15.75 16.56 6.20
CA VAL D 211 -14.33 16.61 5.82
C VAL D 211 -13.44 16.40 7.04
N HIS D 212 -13.43 17.37 7.95
CA HIS D 212 -12.46 17.40 9.06
C HIS D 212 -12.84 16.61 10.32
N SER D 213 -13.95 15.87 10.28
CA SER D 213 -14.41 15.05 11.41
C SER D 213 -14.58 15.89 12.67
N LEU D 214 -15.20 17.06 12.52
CA LEU D 214 -15.44 17.98 13.62
C LEU D 214 -16.94 18.18 13.78
N ASP D 215 -17.49 17.56 14.83
CA ASP D 215 -18.87 17.78 15.25
C ASP D 215 -18.93 19.11 15.99
N TYR D 216 -19.62 20.09 15.43
CA TYR D 216 -19.57 21.47 15.88
C TYR D 216 -20.29 21.69 17.21
N TYR D 217 -21.56 21.32 17.25
CA TYR D 217 -22.41 21.60 18.41
C TYR D 217 -22.02 20.82 19.68
N ASN D 218 -21.53 19.59 19.51
CA ASN D 218 -20.96 18.81 20.63
C ASN D 218 -19.59 19.36 21.04
N THR D 219 -18.87 19.94 20.07
CA THR D 219 -17.57 20.60 20.28
C THR D 219 -16.49 19.55 20.56
N CYS D 220 -16.19 18.77 19.53
CA CYS D 220 -15.22 17.68 19.63
C CYS D 220 -14.81 17.16 18.26
N GLU D 221 -13.58 16.68 18.17
CA GLU D 221 -13.07 15.99 16.97
C GLU D 221 -13.23 14.48 17.12
N TYR D 222 -13.35 13.80 15.99
CA TYR D 222 -13.35 12.34 15.93
C TYR D 222 -12.21 11.90 14.99
N PRO D 223 -10.94 12.08 15.41
CA PRO D 223 -9.79 12.02 14.51
C PRO D 223 -9.60 10.71 13.72
N ASN D 224 -9.87 9.57 14.36
CA ASN D 224 -9.66 8.25 13.73
C ASN D 224 -10.88 7.67 13.00
N GLU D 225 -11.97 8.44 12.90
CA GLU D 225 -13.21 8.00 12.22
C GLU D 225 -13.05 7.26 10.89
N ASP D 226 -12.10 7.71 10.07
CA ASP D 226 -11.92 7.17 8.72
C ASP D 226 -11.43 5.71 8.71
N GLU D 227 -10.80 5.26 9.79
CA GLU D 227 -10.41 3.85 9.99
C GLU D 227 -11.47 3.03 10.76
N MET D 228 -12.13 3.67 11.73
CA MET D 228 -13.11 3.00 12.60
C MET D 228 -14.36 2.53 11.85
N PRO D 229 -15.13 1.57 12.41
CA PRO D 229 -16.19 0.90 11.64
C PRO D 229 -17.22 1.83 11.01
N ASN D 230 -17.79 2.72 11.83
CA ASN D 230 -18.74 3.71 11.35
C ASN D 230 -17.97 5.01 11.05
N ARG D 231 -17.91 5.35 9.76
CA ARG D 231 -17.09 6.47 9.27
C ARG D 231 -17.68 7.82 9.68
N CYS D 232 -19.01 7.94 9.55
CA CYS D 232 -19.77 9.12 9.99
C CYS D 232 -20.84 8.72 10.99
N GLY D 233 -20.47 8.69 12.26
CA GLY D 233 -21.36 8.26 13.34
C GLY D 233 -22.22 9.36 13.92
N ILE D 234 -21.80 9.89 15.06
CA ILE D 234 -22.63 10.76 15.90
C ILE D 234 -22.51 12.23 15.47
N ILE D 235 -23.56 12.76 14.84
CA ILE D 235 -23.68 14.20 14.54
C ILE D 235 -24.63 14.88 15.52
N HIS D 236 -24.32 16.12 15.88
CA HIS D 236 -25.14 16.89 16.84
C HIS D 236 -25.90 18.01 16.13
N VAL D 237 -27.08 18.31 16.67
CA VAL D 237 -28.12 19.06 15.96
C VAL D 237 -28.83 19.97 16.97
N ARG D 238 -29.42 21.06 16.46
CA ARG D 238 -30.10 22.06 17.29
C ARG D 238 -31.37 21.50 17.94
N GLY D 239 -31.74 22.06 19.09
CA GLY D 239 -32.91 21.63 19.84
C GLY D 239 -34.24 22.00 19.17
N PRO D 240 -35.36 21.61 19.80
CA PRO D 240 -36.67 21.88 19.17
C PRO D 240 -37.04 23.37 19.18
N MET D 241 -37.13 23.95 20.38
CA MET D 241 -37.34 25.39 20.60
C MET D 241 -37.44 25.67 22.10
N PRO D 242 -37.04 26.88 22.54
CA PRO D 242 -37.20 27.21 23.97
C PRO D 242 -38.67 27.54 24.29
N PRO D 243 -39.21 27.02 25.42
CA PRO D 243 -40.60 27.29 25.77
C PRO D 243 -40.87 28.73 26.23
N ASN D 244 -40.00 29.26 27.07
CA ASN D 244 -40.12 30.63 27.61
C ASN D 244 -39.48 31.66 26.67
N ARG D 245 -39.46 32.93 27.10
CA ARG D 245 -38.81 34.01 26.34
C ARG D 245 -37.30 33.82 26.27
N ILE D 246 -36.70 34.32 25.20
CA ILE D 246 -35.24 34.33 25.04
C ILE D 246 -34.70 35.51 25.84
N SER D 247 -33.89 35.23 26.86
CA SER D 247 -33.39 36.26 27.78
C SER D 247 -32.32 37.16 27.13
N HIS D 248 -32.04 38.28 27.79
CA HIS D 248 -31.17 39.31 27.23
C HIS D 248 -29.70 38.92 27.33
N GLY D 249 -29.24 38.67 28.56
CA GLY D 249 -27.85 38.32 28.85
C GLY D 249 -27.48 36.85 28.67
N GLU D 250 -28.49 35.97 28.65
CA GLU D 250 -28.26 34.53 28.50
C GLU D 250 -27.71 34.13 27.12
N VAL D 251 -28.06 34.89 26.08
CA VAL D 251 -27.56 34.66 24.73
C VAL D 251 -26.05 34.96 24.65
N LEU D 252 -25.62 36.04 25.32
CA LEU D 252 -24.20 36.38 25.40
C LEU D 252 -23.39 35.40 26.25
N GLU D 253 -24.00 34.85 27.31
CA GLU D 253 -23.34 33.86 28.18
C GLU D 253 -23.09 32.51 27.49
N TRP D 254 -24.00 32.11 26.60
CA TRP D 254 -23.79 30.91 25.77
C TRP D 254 -22.57 31.09 24.85
N GLN D 255 -22.49 32.25 24.19
CA GLN D 255 -21.40 32.56 23.25
C GLN D 255 -20.01 32.57 23.92
N LYS D 256 -19.95 33.00 25.18
CA LYS D 256 -18.72 32.95 25.97
C LYS D 256 -18.34 31.51 26.36
N THR D 257 -19.34 30.73 26.77
CA THR D 257 -19.14 29.31 27.13
C THR D 257 -18.83 28.44 25.91
N PHE D 258 -19.53 28.69 24.81
CA PHE D 258 -19.40 27.89 23.58
C PHE D 258 -18.04 28.09 22.92
N GLU D 259 -17.57 29.34 22.88
CA GLU D 259 -16.24 29.66 22.32
C GLU D 259 -15.09 29.15 23.21
N GLU D 260 -15.34 29.04 24.51
CA GLU D 260 -14.34 28.49 25.45
C GLU D 260 -14.06 27.01 25.20
N LYS D 261 -15.09 26.25 24.81
CA LYS D 261 -14.93 24.83 24.47
C LYS D 261 -14.24 24.62 23.11
N LEU D 262 -14.52 25.51 22.15
CA LEU D 262 -13.92 25.42 20.80
C LEU D 262 -12.42 25.75 20.73
N THR D 263 -11.93 26.56 21.66
CA THR D 263 -10.52 27.02 21.63
C THR D 263 -9.45 25.92 21.77
N PRO D 264 -9.71 24.87 22.60
CA PRO D 264 -8.87 23.66 22.59
C PRO D 264 -8.69 22.96 21.23
N LEU D 265 -9.72 23.01 20.37
CA LEU D 265 -9.67 22.32 19.07
C LEU D 265 -8.71 22.95 18.07
N LEU D 266 -8.45 24.25 18.22
CA LEU D 266 -7.41 24.95 17.45
C LEU D 266 -6.21 25.26 18.32
N SER D 267 -5.66 24.22 18.96
CA SER D 267 -4.47 24.33 19.80
C SER D 267 -3.25 23.88 19.01
N VAL D 268 -2.27 24.77 18.88
CA VAL D 268 -1.02 24.46 18.19
C VAL D 268 -0.18 23.57 19.12
N ARG D 269 0.59 22.66 18.55
CA ARG D 269 1.38 21.72 19.34
C ARG D 269 2.48 22.46 20.10
N GLU D 270 2.65 22.12 21.38
CA GLU D 270 3.51 22.88 22.30
C GLU D 270 4.99 22.71 21.98
N SER D 271 5.80 23.64 22.49
CA SER D 271 7.26 23.59 22.33
C SER D 271 7.96 24.33 23.47
N LEU D 272 9.05 23.77 23.97
CA LEU D 272 9.86 24.41 25.00
C LEU D 272 10.72 25.51 24.39
N SER D 273 11.18 26.44 25.23
CA SER D 273 12.08 27.51 24.81
C SER D 273 13.49 26.96 24.52
N GLU D 274 14.30 27.76 23.83
CA GLU D 274 15.65 27.34 23.43
C GLU D 274 16.53 26.94 24.61
N GLU D 275 16.49 27.74 25.68
CA GLU D 275 17.26 27.45 26.90
C GLU D 275 16.70 26.26 27.67
N GLU D 276 15.38 26.21 27.82
CA GLU D 276 14.71 25.12 28.55
C GLU D 276 14.89 23.76 27.84
N ALA D 277 14.84 23.78 26.51
CA ALA D 277 15.07 22.57 25.71
C ALA D 277 16.53 22.09 25.78
N GLN D 278 17.47 23.04 25.79
CA GLN D 278 18.90 22.72 25.87
C GLN D 278 19.29 22.20 27.26
N LYS D 279 18.68 22.77 28.31
CA LYS D 279 18.91 22.30 29.70
C LYS D 279 18.35 20.90 29.96
N MET D 280 17.25 20.54 29.30
CA MET D 280 16.72 19.17 29.34
C MET D 280 17.63 18.18 28.60
N GLY D 281 18.30 18.66 27.55
CA GLY D 281 19.37 17.92 26.87
C GLY D 281 19.14 17.70 25.38
N ARG D 282 18.92 18.78 24.64
CA ARG D 282 18.71 18.71 23.19
C ARG D 282 20.01 18.31 22.51
N LYS D 283 20.04 17.09 21.97
CA LYS D 283 21.23 16.57 21.28
C LYS D 283 21.35 17.20 19.90
N ASP D 284 22.51 17.81 19.63
CA ASP D 284 22.77 18.48 18.34
C ASP D 284 23.04 17.41 17.27
N PRO D 285 22.52 17.61 16.02
CA PRO D 285 22.71 16.56 15.01
C PRO D 285 24.17 16.39 14.56
N GLU D 286 24.79 17.47 14.10
CA GLU D 286 26.18 17.43 13.59
C GLU D 286 27.23 17.06 14.66
N GLN D 287 26.95 17.39 15.93
CA GLN D 287 27.84 17.04 17.04
C GLN D 287 27.84 15.55 17.33
N GLU D 288 26.65 14.95 17.38
CA GLU D 288 26.51 13.51 17.65
C GLU D 288 26.85 12.63 16.43
N VAL D 289 26.86 13.22 15.23
CA VAL D 289 27.41 12.57 14.03
C VAL D 289 28.94 12.43 14.17
N GLU D 290 29.59 13.45 14.72
CA GLU D 290 31.03 13.41 14.99
C GLU D 290 31.39 12.37 16.06
N LYS D 291 30.51 12.20 17.05
CA LYS D 291 30.68 11.17 18.09
C LYS D 291 30.56 9.75 17.52
N PHE D 292 29.72 9.58 16.50
CA PHE D 292 29.59 8.29 15.79
C PHE D 292 30.81 7.94 14.95
N VAL D 293 31.40 8.95 14.30
CA VAL D 293 32.58 8.75 13.43
C VAL D 293 33.84 8.41 14.24
N THR D 294 34.08 9.15 15.32
CA THR D 294 35.26 8.94 16.17
C THR D 294 35.23 7.60 16.93
N SER D 295 34.03 7.18 17.35
CA SER D 295 33.85 5.85 17.96
C SER D 295 34.09 4.74 16.94
N ASN D 296 33.53 4.91 15.73
CA ASN D 296 33.80 4.01 14.61
C ASN D 296 35.18 4.30 14.03
N PRO D 317 43.49 7.87 11.02
CA PRO D 317 42.32 8.61 11.47
C PRO D 317 41.61 9.41 10.36
N GLU D 318 42.40 10.10 9.53
CA GLU D 318 41.85 10.94 8.44
C GLU D 318 41.28 10.11 7.27
N PHE D 319 41.91 8.97 6.97
CA PHE D 319 41.41 8.04 5.95
C PHE D 319 40.14 7.30 6.39
N VAL D 320 39.97 7.13 7.71
CA VAL D 320 38.79 6.45 8.27
C VAL D 320 37.54 7.34 8.19
N ARG D 321 37.71 8.65 8.38
CA ARG D 321 36.60 9.62 8.28
C ARG D 321 36.07 9.78 6.85
N LYS D 322 36.97 9.80 5.87
CA LYS D 322 36.58 9.92 4.46
C LYS D 322 35.92 8.66 3.90
N HIS D 323 36.15 7.51 4.54
CA HIS D 323 35.47 6.26 4.19
C HIS D 323 34.00 6.27 4.63
N ILE D 324 33.73 6.74 5.84
CA ILE D 324 32.39 6.70 6.44
C ILE D 324 31.41 7.67 5.75
N PHE D 325 31.85 8.90 5.47
CA PHE D 325 31.01 9.91 4.81
C PHE D 325 30.66 9.57 3.36
N ASN D 326 31.66 9.11 2.60
CA ASN D 326 31.49 8.86 1.17
C ASN D 326 30.79 7.52 0.88
N LYS D 327 31.31 6.43 1.45
CA LYS D 327 30.80 5.08 1.17
C LYS D 327 29.51 4.80 1.95
N HIS D 328 29.59 4.92 3.28
CA HIS D 328 28.45 4.63 4.16
C HIS D 328 27.58 5.87 4.39
N ALA D 329 26.95 6.34 3.30
CA ALA D 329 26.11 7.55 3.33
C ALA D 329 24.75 7.32 4.00
N GLU D 330 24.32 6.06 4.07
CA GLU D 330 23.04 5.70 4.70
C GLU D 330 23.06 5.83 6.22
N LYS D 331 24.21 5.55 6.84
CA LYS D 331 24.35 5.59 8.31
C LYS D 331 24.32 7.01 8.90
N ILE D 332 24.99 7.96 8.24
CA ILE D 332 25.04 9.36 8.73
C ILE D 332 23.66 10.04 8.84
N GLU D 333 22.75 9.70 7.94
CA GLU D 333 21.37 10.19 7.98
C GLU D 333 20.54 9.45 9.02
N GLU D 334 20.78 8.14 9.18
CA GLU D 334 20.09 7.31 10.18
C GLU D 334 20.34 7.81 11.62
N VAL D 335 21.55 8.30 11.88
CA VAL D 335 21.89 8.90 13.17
C VAL D 335 21.15 10.23 13.33
N LYS D 336 21.19 11.07 12.28
CA LYS D 336 20.45 12.35 12.26
C LYS D 336 18.95 12.18 12.45
N LYS D 337 18.38 11.11 11.88
CA LYS D 337 16.96 10.78 12.04
C LYS D 337 16.62 10.39 13.48
N GLU D 338 17.45 9.55 14.09
CA GLU D 338 17.24 9.15 15.50
C GLU D 338 17.56 10.28 16.50
N VAL D 339 18.37 11.25 16.09
CA VAL D 339 18.56 12.49 16.86
C VAL D 339 17.27 13.34 16.81
N ALA D 340 16.73 13.52 15.60
CA ALA D 340 15.46 14.24 15.41
C ALA D 340 14.28 13.54 16.07
N PHE D 341 14.28 12.21 16.01
CA PHE D 341 13.32 11.36 16.74
C PHE D 341 13.32 11.67 18.24
N PHE D 342 14.52 11.82 18.81
CA PHE D 342 14.67 12.20 20.21
C PHE D 342 14.36 13.68 20.46
N ASN D 343 14.80 14.56 19.57
CA ASN D 343 14.61 16.01 19.71
C ASN D 343 13.14 16.45 19.58
N ASN D 344 12.40 15.82 18.67
CA ASN D 344 10.95 16.08 18.54
C ASN D 344 10.19 15.68 19.80
N PHE D 345 10.61 14.58 20.42
CA PHE D 345 10.10 14.15 21.73
C PHE D 345 10.51 15.12 22.85
N LEU D 346 11.76 15.56 22.83
CA LEU D 346 12.27 16.54 23.81
C LEU D 346 11.59 17.91 23.69
N THR D 347 11.61 18.46 22.48
CA THR D 347 11.06 19.80 22.19
C THR D 347 9.59 19.92 22.58
N ASP D 348 8.82 18.88 22.25
CA ASP D 348 7.40 18.79 22.62
C ASP D 348 7.22 18.96 24.13
N ALA D 349 6.48 20.00 24.54
CA ALA D 349 6.24 20.30 25.96
C ALA D 349 4.87 19.78 26.44
N LYS D 350 4.48 18.61 25.94
CA LYS D 350 3.24 17.96 26.34
C LYS D 350 3.42 16.45 26.09
N ARG D 351 4.52 15.91 26.63
CA ARG D 351 4.95 14.53 26.34
C ARG D 351 4.02 13.48 26.93
N PRO D 352 4.02 12.26 26.35
CA PRO D 352 3.41 11.14 27.04
C PRO D 352 4.29 10.69 28.22
N ALA D 353 3.69 10.57 29.41
CA ALA D 353 4.42 10.16 30.60
C ALA D 353 3.48 9.58 31.65
N LEU D 354 4.04 8.83 32.60
CA LEU D 354 3.27 8.11 33.60
C LEU D 354 2.69 9.06 34.65
N PRO D 355 1.42 8.86 35.07
CA PRO D 355 0.80 9.74 36.06
C PRO D 355 1.26 9.44 37.48
#